data_4GT0
#
_entry.id   4GT0
#
_cell.length_a   77.893
_cell.length_b   77.893
_cell.length_c   292.291
_cell.angle_alpha   90.00
_cell.angle_beta   90.00
_cell.angle_gamma   120.00
#
_symmetry.space_group_name_H-M   'P 63'
#
loop_
_entity.id
_entity.type
_entity.pdbx_description
1 polymer 'Envelope protein E'
2 non-polymer 2-acetamido-2-deoxy-beta-D-glucopyranose
3 non-polymer 'CADMIUM ION'
4 non-polymer 'CHLORIDE ION'
5 water water
#
_entity_poly.entity_id   1
_entity_poly.type   'polypeptide(L)'
_entity_poly.pdbx_seq_one_letter_code
;GHHHHHHHHGSSTSNGMRCVGIGNRDFVEGLSGATWVDVVLEHGSCVTTMAKDKPTLDIELLKTEVTNPAVLRKLCIEAK
ISNTTTDSRCPTQGEATLVEEQDTNFVCRRTFVDRGHGNGCGLFGKGSLITCAKFKCVTKLEGKIVQYENLKYSVIVTVH
TGDQHQVGNETTEHGTIATITPQAPTSEIQLTDYGALTLDCSPRTGLDFNEMVLLTMKEKSWLVHKQWFLDLPLPWTSGA
STSQETWNRQDLLVTFKTAHAKKQEVVVLGSQEGAMHTALTGATEIQTSGTTTIFAGHLKCRLKMDKLTLKGMSYVMCTG
SFKLEKEVAETQHGTVLVQVKYEGTDAPCKIPFSSQDEKGVTQNGRLITANPIVTDKEKPVNIEAEPPFGESYIVVGAGE
KALKLSWFKKGSSIGKMFEATARGARRMAILGDTAWD
;
_entity_poly.pdbx_strand_id   A,B
#
# COMPACT_ATOMS: atom_id res chain seq x y z
N ARG A 18 25.41 13.11 -47.13
CA ARG A 18 24.81 12.95 -45.82
C ARG A 18 25.70 13.54 -44.72
N CYS A 19 26.98 13.70 -45.03
CA CYS A 19 27.94 14.23 -44.06
C CYS A 19 28.09 15.73 -44.23
N VAL A 20 28.33 16.43 -43.11
CA VAL A 20 28.57 17.86 -43.15
C VAL A 20 30.04 18.12 -43.43
N GLY A 21 30.32 19.01 -44.38
CA GLY A 21 31.69 19.35 -44.74
C GLY A 21 32.35 20.23 -43.69
N ILE A 22 33.64 20.05 -43.52
CA ILE A 22 34.40 20.83 -42.54
C ILE A 22 34.81 22.18 -43.12
N GLY A 23 34.38 23.25 -42.46
CA GLY A 23 34.73 24.60 -42.87
C GLY A 23 36.21 24.86 -42.68
N ASN A 24 36.72 25.89 -43.36
CA ASN A 24 38.15 26.20 -43.27
C ASN A 24 38.51 26.92 -41.97
N ARG A 25 37.49 27.25 -41.18
CA ARG A 25 37.71 27.89 -39.89
C ARG A 25 38.01 26.84 -38.83
N ASP A 26 37.88 25.56 -39.20
CA ASP A 26 38.03 24.47 -38.24
C ASP A 26 39.28 23.62 -38.52
N PHE A 27 40.26 24.17 -39.22
CA PHE A 27 41.55 23.49 -39.37
C PHE A 27 42.65 24.47 -39.72
N VAL A 28 43.88 24.09 -39.39
CA VAL A 28 45.05 24.87 -39.74
C VAL A 28 46.14 23.96 -40.30
N GLU A 29 46.60 24.25 -41.51
CA GLU A 29 47.76 23.58 -42.07
C GLU A 29 49.00 24.36 -41.66
N GLY A 30 49.86 23.73 -40.88
CA GLY A 30 51.07 24.37 -40.43
C GLY A 30 52.02 24.61 -41.58
N LEU A 31 52.71 25.75 -41.56
CA LEU A 31 53.77 26.01 -42.52
C LEU A 31 54.66 24.78 -42.49
N SER A 32 54.95 24.33 -41.27
CA SER A 32 55.63 23.07 -41.02
C SER A 32 54.85 22.34 -39.95
N GLY A 33 55.07 21.04 -39.80
CA GLY A 33 54.40 20.27 -38.78
C GLY A 33 53.19 19.52 -39.28
N ALA A 34 52.02 19.86 -38.75
CA ALA A 34 50.81 19.06 -38.97
C ALA A 34 49.64 19.87 -39.50
N THR A 35 48.59 19.15 -39.88
CA THR A 35 47.28 19.75 -40.12
C THR A 35 46.36 19.36 -38.97
N TRP A 36 45.94 20.35 -38.19
CA TRP A 36 45.05 20.09 -37.05
C TRP A 36 43.62 20.45 -37.41
N VAL A 37 42.69 19.56 -37.06
CA VAL A 37 41.29 19.72 -37.45
C VAL A 37 40.36 19.54 -36.25
N ASP A 38 39.39 20.43 -36.12
CA ASP A 38 38.37 20.30 -35.09
C ASP A 38 37.08 19.75 -35.70
N VAL A 39 36.52 18.73 -35.06
CA VAL A 39 35.23 18.20 -35.50
C VAL A 39 34.39 17.82 -34.29
N VAL A 40 33.07 18.02 -34.41
CA VAL A 40 32.15 17.61 -33.36
C VAL A 40 31.28 16.46 -33.88
N LEU A 41 31.40 15.30 -33.26
CA LEU A 41 30.63 14.14 -33.66
C LEU A 41 29.38 14.00 -32.79
N GLU A 42 28.23 13.81 -33.44
CA GLU A 42 26.97 13.64 -32.75
C GLU A 42 26.24 12.44 -33.33
N HIS A 43 25.42 11.79 -32.51
CA HIS A 43 24.69 10.61 -32.98
C HIS A 43 23.81 10.98 -34.17
N GLY A 44 24.02 10.30 -35.28
CA GLY A 44 23.26 10.56 -36.51
C GLY A 44 24.13 11.28 -37.52
N SER A 45 24.56 12.48 -37.16
CA SER A 45 25.41 13.29 -38.03
C SER A 45 26.70 12.55 -38.39
N CYS A 46 27.32 12.99 -39.48
CA CYS A 46 28.66 12.55 -39.82
C CYS A 46 29.39 13.72 -40.47
N VAL A 47 30.69 13.79 -40.26
CA VAL A 47 31.50 14.89 -40.78
CA VAL A 47 31.49 14.90 -40.79
C VAL A 47 32.46 14.40 -41.85
N THR A 48 32.70 15.22 -42.86
CA THR A 48 33.56 14.83 -43.96
C THR A 48 34.50 15.94 -44.42
N THR A 49 35.63 15.54 -44.99
CA THR A 49 36.56 16.49 -45.60
C THR A 49 37.41 15.81 -46.67
N MET A 50 38.23 16.60 -47.36
CA MET A 50 38.96 16.12 -48.53
C MET A 50 40.25 16.94 -48.70
N ALA A 51 41.29 16.31 -49.22
CA ALA A 51 42.59 16.96 -49.35
C ALA A 51 42.97 17.20 -50.82
N LYS A 52 44.06 17.94 -51.02
CA LYS A 52 44.55 18.23 -52.37
C LYS A 52 44.70 16.93 -53.16
N ASP A 53 43.63 16.56 -53.87
CA ASP A 53 43.61 15.35 -54.69
C ASP A 53 43.80 14.07 -53.87
N LYS A 54 42.79 13.77 -53.05
CA LYS A 54 42.75 12.53 -52.28
C LYS A 54 41.30 12.12 -52.08
N PRO A 55 41.07 10.90 -51.58
CA PRO A 55 39.70 10.43 -51.39
C PRO A 55 38.97 11.20 -50.30
N THR A 56 37.64 11.13 -50.29
CA THR A 56 36.85 11.78 -49.26
C THR A 56 37.03 11.08 -47.92
N LEU A 57 36.98 11.84 -46.84
CA LEU A 57 37.19 11.31 -45.50
C LEU A 57 35.97 11.57 -44.63
N ASP A 58 35.38 10.50 -44.11
CA ASP A 58 34.19 10.62 -43.26
C ASP A 58 34.47 10.14 -41.85
N ILE A 59 33.97 10.88 -40.87
CA ILE A 59 34.03 10.47 -39.46
C ILE A 59 32.61 10.42 -38.91
N GLU A 60 32.36 9.48 -38.00
CA GLU A 60 31.02 9.32 -37.44
C GLU A 60 31.04 8.58 -36.11
N LEU A 61 30.23 9.05 -35.17
CA LEU A 61 30.07 8.39 -33.88
C LEU A 61 28.98 7.33 -34.00
N LEU A 62 29.37 6.06 -33.80
CA LEU A 62 28.45 4.95 -33.98
C LEU A 62 27.60 4.67 -32.73
N LYS A 63 28.22 4.64 -31.56
CA LYS A 63 27.46 4.47 -30.32
C LYS A 63 28.24 4.87 -29.07
N THR A 64 27.51 4.93 -27.96
CA THR A 64 28.06 5.30 -26.66
C THR A 64 27.53 4.36 -25.60
N GLU A 65 28.42 3.70 -24.87
CA GLU A 65 28.02 2.67 -23.93
C GLU A 65 28.56 2.89 -22.53
N VAL A 66 27.69 2.75 -21.54
CA VAL A 66 28.11 2.64 -20.15
C VAL A 66 28.07 1.17 -19.75
N THR A 67 29.22 0.64 -19.34
CA THR A 67 29.35 -0.79 -19.09
C THR A 67 29.85 -1.09 -17.68
N ASN A 68 29.12 -1.95 -16.98
CA ASN A 68 29.49 -2.40 -15.63
C ASN A 68 29.76 -1.25 -14.66
N PRO A 69 28.79 -0.35 -14.50
CA PRO A 69 28.91 0.70 -13.48
C PRO A 69 28.80 0.12 -12.07
N ALA A 70 29.42 0.79 -11.11
CA ALA A 70 29.46 0.28 -9.74
C ALA A 70 28.20 0.65 -8.96
N VAL A 71 27.76 -0.25 -8.10
CA VAL A 71 26.60 0.01 -7.26
C VAL A 71 26.95 0.91 -6.09
N LEU A 72 26.15 1.95 -5.89
CA LEU A 72 26.33 2.88 -4.78
C LEU A 72 25.65 2.28 -3.55
N ARG A 73 24.35 2.04 -3.66
CA ARG A 73 23.59 1.31 -2.64
C ARG A 73 22.57 0.43 -3.34
N LYS A 74 21.96 -0.47 -2.58
CA LYS A 74 20.78 -1.18 -3.03
C LYS A 74 19.65 -0.84 -2.07
N LEU A 75 18.49 -0.48 -2.61
CA LEU A 75 17.35 -0.15 -1.78
C LEU A 75 16.30 -1.25 -1.88
N CYS A 76 15.54 -1.46 -0.82
CA CYS A 76 14.53 -2.51 -0.78
C CYS A 76 13.14 -1.90 -0.92
N ILE A 77 12.42 -2.33 -1.95
CA ILE A 77 11.07 -1.83 -2.22
C ILE A 77 10.01 -2.85 -1.84
N GLU A 78 10.44 -4.06 -1.50
CA GLU A 78 9.52 -5.10 -1.08
C GLU A 78 10.23 -6.10 -0.16
N ALA A 79 9.86 -6.08 1.11
CA ALA A 79 10.47 -6.98 2.10
C ALA A 79 9.45 -7.99 2.59
N LYS A 80 9.93 -9.06 3.21
CA LYS A 80 9.07 -10.05 3.83
C LYS A 80 9.52 -10.33 5.26
N ILE A 81 8.61 -10.87 6.06
CA ILE A 81 8.87 -11.10 7.48
C ILE A 81 8.63 -12.56 7.86
N SER A 82 9.47 -13.10 8.74
CA SER A 82 9.31 -14.46 9.21
C SER A 82 10.14 -14.71 10.48
N ASN A 83 9.99 -15.91 11.04
CA ASN A 83 10.69 -16.26 12.27
C ASN A 83 10.42 -15.26 13.40
N THR A 84 9.21 -14.69 13.40
CA THR A 84 8.81 -13.77 14.46
C THR A 84 8.90 -14.46 15.81
N THR A 85 9.77 -13.94 16.67
CA THR A 85 9.98 -14.53 17.99
C THR A 85 9.74 -13.48 19.07
N THR A 86 9.05 -13.88 20.13
CA THR A 86 8.76 -12.96 21.24
C THR A 86 9.15 -13.59 22.57
N ASP A 87 9.67 -12.76 23.47
CA ASP A 87 9.98 -13.20 24.82
C ASP A 87 9.45 -12.18 25.82
N SER A 88 8.63 -12.64 26.76
CA SER A 88 8.05 -11.77 27.76
C SER A 88 8.42 -12.23 29.16
N ARG A 89 8.38 -11.31 30.12
CA ARG A 89 8.67 -11.66 31.50
CA ARG A 89 8.73 -11.60 31.51
C ARG A 89 7.74 -10.92 32.45
N CYS A 90 7.42 -11.59 33.56
CA CYS A 90 6.53 -11.01 34.56
C CYS A 90 7.24 -9.82 35.22
N PRO A 91 6.45 -8.90 35.78
CA PRO A 91 6.95 -7.68 36.41
C PRO A 91 8.19 -7.90 37.29
N THR A 92 8.24 -9.04 37.98
CA THR A 92 9.33 -9.31 38.90
C THR A 92 10.30 -10.36 38.36
N GLN A 93 10.41 -10.45 37.05
CA GLN A 93 11.26 -11.46 36.41
C GLN A 93 12.33 -10.87 35.50
N GLY A 94 12.53 -9.57 35.59
CA GLY A 94 13.62 -8.91 34.88
C GLY A 94 13.33 -8.64 33.42
N GLU A 95 14.38 -8.30 32.67
CA GLU A 95 14.26 -7.89 31.28
C GLU A 95 14.35 -9.08 30.33
N ALA A 96 13.31 -9.26 29.52
CA ALA A 96 13.28 -10.29 28.50
C ALA A 96 14.53 -10.24 27.62
N THR A 97 14.73 -11.27 26.81
CA THR A 97 15.93 -11.39 26.00
C THR A 97 15.81 -12.46 24.93
N LEU A 98 16.33 -12.16 23.74
CA LEU A 98 16.41 -13.13 22.65
C LEU A 98 17.83 -13.14 22.11
N VAL A 99 18.26 -14.29 21.60
CA VAL A 99 19.60 -14.40 21.03
C VAL A 99 19.65 -13.80 19.63
N GLU A 100 18.49 -13.65 19.00
CA GLU A 100 18.42 -13.02 17.68
C GLU A 100 18.55 -11.50 17.80
N GLU A 101 18.62 -11.00 19.02
CA GLU A 101 18.93 -9.60 19.25
C GLU A 101 20.28 -9.27 18.64
N GLN A 102 21.17 -10.25 18.63
CA GLN A 102 22.53 -10.07 18.15
C GLN A 102 22.66 -10.49 16.68
N ASP A 103 21.55 -10.89 16.08
CA ASP A 103 21.53 -11.31 14.68
C ASP A 103 21.10 -10.14 13.81
N THR A 104 21.84 -9.88 12.75
CA THR A 104 21.62 -8.70 11.92
C THR A 104 20.56 -8.93 10.84
N ASN A 105 20.17 -10.18 10.63
CA ASN A 105 19.05 -10.49 9.75
C ASN A 105 17.71 -10.18 10.42
N PHE A 106 17.76 -9.99 11.74
CA PHE A 106 16.54 -9.78 12.51
C PHE A 106 16.36 -8.31 12.90
N VAL A 107 15.10 -7.87 12.86
CA VAL A 107 14.72 -6.54 13.32
C VAL A 107 13.95 -6.69 14.62
N CYS A 108 14.43 -6.01 15.67
CA CYS A 108 13.88 -6.22 17.01
C CYS A 108 13.21 -4.98 17.57
N ARG A 109 12.41 -5.18 18.63
CA ARG A 109 11.74 -4.06 19.30
C ARG A 109 11.38 -4.42 20.74
N ARG A 110 11.66 -3.49 21.65
CA ARG A 110 11.42 -3.71 23.07
C ARG A 110 10.25 -2.87 23.58
N THR A 111 9.61 -3.35 24.65
CA THR A 111 8.52 -2.63 25.29
C THR A 111 8.18 -3.22 26.65
N PHE A 112 7.15 -2.67 27.28
CA PHE A 112 6.61 -3.20 28.52
C PHE A 112 5.11 -3.36 28.38
N VAL A 113 4.61 -4.57 28.61
CA VAL A 113 3.19 -4.86 28.47
C VAL A 113 2.56 -5.17 29.81
N ASP A 114 1.25 -4.96 29.91
CA ASP A 114 0.52 -5.29 31.12
C ASP A 114 0.57 -6.79 31.37
N ARG A 115 1.03 -7.18 32.56
CA ARG A 115 1.08 -8.57 32.96
C ARG A 115 0.36 -8.71 34.30
N GLY A 116 -0.19 -9.90 34.56
CA GLY A 116 -0.90 -10.14 35.79
C GLY A 116 -1.41 -11.55 35.92
N HIS A 117 -2.28 -11.77 36.90
CA HIS A 117 -2.84 -13.09 37.17
C HIS A 117 -3.40 -13.73 35.91
N GLY A 118 -4.03 -12.91 35.07
CA GLY A 118 -4.69 -13.40 33.88
C GLY A 118 -3.78 -14.04 32.86
N ASN A 119 -2.48 -13.78 32.96
CA ASN A 119 -1.51 -14.37 32.05
C ASN A 119 -0.27 -14.94 32.75
N GLY A 120 -0.49 -15.55 33.90
CA GLY A 120 0.55 -16.33 34.55
C GLY A 120 1.40 -15.59 35.57
N CYS A 121 1.11 -14.32 35.80
CA CYS A 121 1.92 -13.51 36.71
C CYS A 121 1.24 -13.35 38.07
N GLY A 122 2.04 -13.07 39.09
CA GLY A 122 1.54 -12.92 40.45
C GLY A 122 1.18 -11.48 40.76
N LEU A 123 1.80 -10.55 40.05
CA LEU A 123 1.54 -9.13 40.23
C LEU A 123 0.97 -8.50 38.97
N PHE A 124 -0.04 -7.66 39.13
CA PHE A 124 -0.50 -6.81 38.05
C PHE A 124 0.52 -5.68 37.87
N GLY A 125 1.13 -5.62 36.69
CA GLY A 125 2.15 -4.62 36.43
C GLY A 125 2.81 -4.81 35.08
N LYS A 126 3.68 -3.89 34.71
CA LYS A 126 4.37 -3.94 33.43
C LYS A 126 5.41 -5.05 33.41
N GLY A 127 5.33 -5.90 32.39
CA GLY A 127 6.32 -6.93 32.17
C GLY A 127 7.09 -6.66 30.90
N SER A 128 8.39 -6.93 30.92
CA SER A 128 9.23 -6.66 29.76
C SER A 128 8.80 -7.52 28.58
N LEU A 129 9.09 -7.04 27.38
CA LEU A 129 8.79 -7.79 26.17
C LEU A 129 9.73 -7.40 25.03
N ILE A 130 10.25 -8.40 24.34
CA ILE A 130 11.14 -8.19 23.20
C ILE A 130 10.66 -9.04 22.04
N THR A 131 10.59 -8.44 20.85
CA THR A 131 10.12 -9.15 19.67
C THR A 131 11.08 -8.94 18.50
N CYS A 132 11.52 -10.06 17.92
CA CYS A 132 12.44 -10.03 16.79
C CYS A 132 11.85 -10.77 15.61
N ALA A 133 12.07 -10.24 14.41
CA ALA A 133 11.58 -10.88 13.20
C ALA A 133 12.65 -10.83 12.11
N LYS A 134 12.72 -11.88 11.30
CA LYS A 134 13.73 -11.99 10.26
C LYS A 134 13.34 -11.18 9.04
N PHE A 135 14.16 -10.20 8.69
CA PHE A 135 13.90 -9.31 7.56
C PHE A 135 14.56 -9.86 6.30
N LYS A 136 13.85 -9.77 5.18
CA LYS A 136 14.37 -10.23 3.90
C LYS A 136 13.88 -9.33 2.78
N CYS A 137 14.80 -8.89 1.92
CA CYS A 137 14.45 -8.07 0.78
C CYS A 137 14.08 -8.97 -0.39
N VAL A 138 12.82 -8.90 -0.81
CA VAL A 138 12.34 -9.69 -1.93
C VAL A 138 12.55 -8.95 -3.24
N THR A 139 12.25 -7.66 -3.25
CA THR A 139 12.44 -6.83 -4.42
C THR A 139 13.30 -5.62 -4.07
N LYS A 140 14.40 -5.45 -4.78
CA LYS A 140 15.32 -4.35 -4.54
C LYS A 140 15.61 -3.61 -5.84
N LEU A 141 16.01 -2.34 -5.70
CA LEU A 141 16.50 -1.57 -6.83
C LEU A 141 17.96 -1.24 -6.57
N GLU A 142 18.64 -0.67 -7.55
CA GLU A 142 20.06 -0.37 -7.41
C GLU A 142 20.42 0.97 -8.06
N GLY A 143 21.24 1.75 -7.35
CA GLY A 143 21.75 3.01 -7.85
C GLY A 143 23.21 2.87 -8.20
N LYS A 144 23.55 3.09 -9.46
CA LYS A 144 24.90 2.84 -9.95
C LYS A 144 25.56 4.13 -10.45
N ILE A 145 26.79 4.36 -10.02
CA ILE A 145 27.54 5.55 -10.43
C ILE A 145 28.38 5.26 -11.68
N VAL A 146 28.37 6.19 -12.62
CA VAL A 146 29.16 6.07 -13.84
C VAL A 146 30.51 6.77 -13.67
N GLN A 147 31.58 6.00 -13.82
CA GLN A 147 32.93 6.54 -13.73
C GLN A 147 33.56 6.58 -15.12
N TYR A 148 34.78 7.12 -15.21
CA TYR A 148 35.50 7.20 -16.47
C TYR A 148 35.64 5.82 -17.11
N GLU A 149 35.96 4.83 -16.29
CA GLU A 149 36.24 3.48 -16.77
C GLU A 149 34.98 2.79 -17.30
N ASN A 150 33.83 3.41 -17.11
CA ASN A 150 32.57 2.81 -17.53
C ASN A 150 32.08 3.35 -18.88
N LEU A 151 32.71 4.42 -19.36
CA LEU A 151 32.26 5.08 -20.59
C LEU A 151 33.06 4.62 -21.79
N LYS A 152 32.39 4.46 -22.93
CA LYS A 152 33.06 4.05 -24.16
C LYS A 152 32.37 4.62 -25.39
N TYR A 153 33.16 5.01 -26.39
CA TYR A 153 32.64 5.51 -27.65
C TYR A 153 33.20 4.71 -28.82
N SER A 154 32.38 4.49 -29.84
CA SER A 154 32.83 3.81 -31.06
C SER A 154 32.73 4.78 -32.24
N VAL A 155 33.89 5.24 -32.72
CA VAL A 155 33.94 6.20 -33.82
C VAL A 155 34.47 5.53 -35.07
N ILE A 156 33.73 5.63 -36.17
CA ILE A 156 34.16 5.03 -37.42
C ILE A 156 34.73 6.06 -38.39
N VAL A 157 35.90 5.74 -38.93
CA VAL A 157 36.60 6.59 -39.89
C VAL A 157 36.63 5.86 -41.23
N THR A 158 36.16 6.52 -42.28
CA THR A 158 36.01 5.87 -43.57
C THR A 158 36.67 6.67 -44.70
N VAL A 159 37.61 6.03 -45.39
CA VAL A 159 38.21 6.62 -46.58
C VAL A 159 37.50 6.09 -47.82
N HIS A 160 36.95 7.01 -48.61
CA HIS A 160 36.11 6.63 -49.74
C HIS A 160 36.90 6.20 -50.98
N THR A 161 37.56 5.04 -50.87
CA THR A 161 38.10 4.37 -52.05
C THR A 161 36.94 3.65 -52.73
N GLY A 162 35.88 3.41 -51.97
CA GLY A 162 34.68 2.78 -52.50
C GLY A 162 34.88 1.31 -52.82
N GLY A 175 36.25 0.69 -43.70
CA GLY A 175 36.11 1.59 -42.57
C GLY A 175 36.79 1.06 -41.32
N THR A 176 37.38 1.98 -40.55
CA THR A 176 38.07 1.63 -39.31
C THR A 176 37.32 2.17 -38.10
N ILE A 177 36.98 1.29 -37.16
CA ILE A 177 36.24 1.68 -35.97
C ILE A 177 37.19 1.93 -34.80
N ALA A 178 37.27 3.18 -34.38
CA ALA A 178 38.11 3.58 -33.26
C ALA A 178 37.37 3.45 -31.94
N THR A 179 38.12 3.13 -30.88
CA THR A 179 37.56 3.06 -29.53
C THR A 179 38.05 4.24 -28.71
N ILE A 180 37.11 5.07 -28.26
CA ILE A 180 37.46 6.25 -27.46
C ILE A 180 36.87 6.14 -26.07
N THR A 181 37.71 6.39 -25.06
CA THR A 181 37.27 6.43 -23.68
C THR A 181 37.87 7.65 -22.99
N PRO A 182 37.26 8.09 -21.88
CA PRO A 182 37.78 9.25 -21.14
C PRO A 182 39.27 9.12 -20.81
N GLN A 183 39.69 7.96 -20.30
CA GLN A 183 41.08 7.75 -19.93
C GLN A 183 41.96 7.50 -21.15
N ALA A 184 41.37 6.98 -22.22
CA ALA A 184 42.09 6.74 -23.46
C ALA A 184 41.42 7.46 -24.62
N PRO A 185 41.56 8.80 -24.65
CA PRO A 185 40.91 9.65 -25.65
C PRO A 185 41.61 9.66 -27.00
N THR A 186 42.83 9.14 -27.08
CA THR A 186 43.59 9.15 -28.32
C THR A 186 43.46 7.81 -29.06
N SER A 187 43.47 7.88 -30.40
CA SER A 187 43.46 6.68 -31.23
C SER A 187 44.18 6.93 -32.55
N GLU A 188 45.37 6.36 -32.68
CA GLU A 188 46.14 6.48 -33.91
C GLU A 188 45.68 5.43 -34.92
N ILE A 189 45.40 5.86 -36.14
CA ILE A 189 44.88 4.98 -37.17
C ILE A 189 45.56 5.20 -38.52
N GLN A 190 45.91 4.10 -39.18
CA GLN A 190 46.56 4.16 -40.49
C GLN A 190 45.53 4.14 -41.60
N LEU A 191 45.50 5.20 -42.40
CA LEU A 191 44.54 5.33 -43.48
C LEU A 191 45.22 5.21 -44.84
N THR A 192 44.42 4.89 -45.86
CA THR A 192 44.93 4.83 -47.23
C THR A 192 45.04 6.24 -47.80
N ASP A 193 46.20 6.57 -48.35
CA ASP A 193 46.45 7.87 -48.96
C ASP A 193 46.67 8.98 -47.93
N TYR A 194 45.94 8.96 -46.83
CA TYR A 194 46.03 10.02 -45.82
C TYR A 194 47.15 9.79 -44.82
N GLY A 195 47.47 8.53 -44.54
CA GLY A 195 48.53 8.19 -43.60
C GLY A 195 47.99 8.05 -42.19
N ALA A 196 48.87 8.26 -41.21
CA ALA A 196 48.49 8.15 -39.81
C ALA A 196 47.54 9.27 -39.41
N LEU A 197 46.48 8.90 -38.68
CA LEU A 197 45.48 9.87 -38.24
C LEU A 197 45.20 9.67 -36.77
N THR A 198 45.47 10.71 -35.97
CA THR A 198 45.25 10.63 -34.53
C THR A 198 43.89 11.19 -34.15
N LEU A 199 43.04 10.33 -33.58
CA LEU A 199 41.75 10.77 -33.05
C LEU A 199 41.90 11.16 -31.59
N ASP A 200 41.87 12.45 -31.31
CA ASP A 200 41.94 12.94 -29.94
C ASP A 200 40.59 13.51 -29.51
N CYS A 201 39.72 12.63 -29.01
CA CYS A 201 38.34 12.99 -28.74
C CYS A 201 38.03 13.05 -27.24
N SER A 202 37.03 13.85 -26.89
CA SER A 202 36.57 13.95 -25.51
C SER A 202 35.06 14.16 -25.49
N PRO A 203 34.40 13.74 -24.40
CA PRO A 203 32.95 13.95 -24.27
C PRO A 203 32.58 15.43 -24.16
N ARG A 204 31.58 15.86 -24.93
CA ARG A 204 31.11 17.24 -24.82
C ARG A 204 30.38 17.44 -23.50
N THR A 205 30.36 18.68 -23.02
CA THR A 205 29.68 19.00 -21.78
C THR A 205 28.17 18.86 -21.95
N GLY A 206 27.57 17.98 -21.14
CA GLY A 206 26.15 17.73 -21.20
C GLY A 206 25.70 16.98 -19.95
N LEU A 207 25.57 15.66 -20.07
CA LEU A 207 25.28 14.83 -18.92
C LEU A 207 26.46 14.85 -17.95
N ASP A 208 26.16 15.03 -16.67
CA ASP A 208 27.19 15.05 -15.64
C ASP A 208 27.02 13.83 -14.74
N PHE A 209 27.98 12.90 -14.83
CA PHE A 209 27.89 11.65 -14.08
C PHE A 209 28.43 11.79 -12.66
N ASN A 210 28.84 13.00 -12.31
CA ASN A 210 29.16 13.32 -10.92
C ASN A 210 27.88 13.64 -10.16
N GLU A 211 26.84 13.99 -10.92
CA GLU A 211 25.57 14.41 -10.34
C GLU A 211 24.47 13.39 -10.59
N MET A 212 24.45 12.82 -11.79
CA MET A 212 23.39 11.89 -12.17
C MET A 212 23.79 10.45 -11.86
N VAL A 213 22.80 9.65 -11.50
CA VAL A 213 23.02 8.26 -11.11
C VAL A 213 22.15 7.34 -11.95
N LEU A 214 22.62 6.11 -12.13
CA LEU A 214 21.90 5.13 -12.95
C LEU A 214 21.04 4.24 -12.05
N LEU A 215 19.74 4.50 -12.04
CA LEU A 215 18.82 3.73 -11.21
C LEU A 215 18.23 2.57 -12.00
N THR A 216 18.19 1.39 -11.38
CA THR A 216 17.66 0.20 -12.04
C THR A 216 16.68 -0.54 -11.14
N MET A 217 15.41 -0.54 -11.55
CA MET A 217 14.37 -1.27 -10.83
C MET A 217 13.74 -2.29 -11.76
N LYS A 218 13.70 -3.54 -11.34
CA LYS A 218 13.17 -4.62 -12.15
C LYS A 218 13.87 -4.70 -13.50
N GLU A 219 13.33 -4.04 -14.51
CA GLU A 219 13.90 -4.08 -15.85
C GLU A 219 14.20 -2.70 -16.41
N LYS A 220 13.34 -1.72 -16.09
CA LYS A 220 13.52 -0.36 -16.58
C LYS A 220 14.64 0.36 -15.82
N SER A 221 15.16 1.42 -16.42
CA SER A 221 16.25 2.18 -15.83
C SER A 221 16.06 3.67 -16.10
N TRP A 222 16.60 4.50 -15.21
CA TRP A 222 16.45 5.94 -15.31
C TRP A 222 17.73 6.67 -14.92
N LEU A 223 17.85 7.93 -15.35
CA LEU A 223 18.90 8.81 -14.87
C LEU A 223 18.32 9.71 -13.79
N VAL A 224 18.84 9.58 -12.57
CA VAL A 224 18.31 10.32 -11.43
C VAL A 224 19.42 11.05 -10.68
N HIS A 225 19.10 12.20 -10.12
CA HIS A 225 20.07 12.96 -9.34
C HIS A 225 20.59 12.10 -8.19
N LYS A 226 21.78 12.43 -7.68
CA LYS A 226 22.46 11.58 -6.72
C LYS A 226 21.92 11.71 -5.30
N GLN A 227 21.74 12.95 -4.83
CA GLN A 227 21.27 13.17 -3.47
C GLN A 227 19.82 12.74 -3.32
N TRP A 228 19.02 12.99 -4.35
CA TRP A 228 17.65 12.52 -4.40
C TRP A 228 17.62 11.03 -4.05
N PHE A 229 18.46 10.26 -4.74
CA PHE A 229 18.58 8.83 -4.49
C PHE A 229 19.02 8.55 -3.06
N LEU A 230 20.10 9.19 -2.63
CA LEU A 230 20.67 8.94 -1.31
C LEU A 230 19.70 9.26 -0.18
N ASP A 231 18.76 10.17 -0.43
CA ASP A 231 17.81 10.59 0.61
C ASP A 231 16.52 9.78 0.55
N LEU A 232 16.40 8.87 -0.41
CA LEU A 232 15.23 8.01 -0.50
C LEU A 232 14.98 7.30 0.82
N PRO A 233 13.77 7.45 1.38
CA PRO A 233 13.43 6.80 2.64
C PRO A 233 13.04 5.33 2.47
N LEU A 234 13.99 4.53 2.01
CA LEU A 234 13.80 3.08 1.89
C LEU A 234 14.94 2.37 2.60
N PRO A 235 14.70 1.13 3.06
CA PRO A 235 15.81 0.34 3.61
C PRO A 235 16.93 0.23 2.58
N TRP A 236 18.17 0.35 3.02
CA TRP A 236 19.29 0.37 2.09
C TRP A 236 20.49 -0.43 2.59
N THR A 237 21.34 -0.84 1.66
CA THR A 237 22.59 -1.53 2.00
C THR A 237 23.67 -1.10 1.04
N SER A 238 24.88 -0.88 1.56
CA SER A 238 25.99 -0.41 0.75
C SER A 238 26.19 -1.26 -0.49
N GLY A 239 26.84 -0.69 -1.50
CA GLY A 239 27.18 -1.42 -2.70
C GLY A 239 28.48 -2.18 -2.53
N ALA A 240 29.14 -1.96 -1.41
CA ALA A 240 30.41 -2.62 -1.11
C ALA A 240 30.27 -4.14 -1.21
N SER A 241 31.39 -4.81 -1.45
CA SER A 241 31.40 -6.26 -1.58
C SER A 241 31.13 -6.94 -0.24
N THR A 242 30.17 -7.87 -0.24
CA THR A 242 29.82 -8.58 0.97
C THR A 242 29.23 -9.95 0.64
N SER A 243 29.33 -10.86 1.59
CA SER A 243 28.68 -12.16 1.47
C SER A 243 27.37 -12.16 2.23
N GLN A 244 27.27 -11.26 3.21
CA GLN A 244 26.08 -11.19 4.05
C GLN A 244 25.35 -9.87 3.80
N GLU A 245 24.27 -9.94 3.04
CA GLU A 245 23.46 -8.77 2.73
C GLU A 245 22.79 -8.24 3.99
N THR A 246 23.25 -7.07 4.45
CA THR A 246 22.76 -6.49 5.70
C THR A 246 22.13 -5.13 5.43
N TRP A 247 20.88 -4.96 5.87
CA TRP A 247 20.10 -3.77 5.55
C TRP A 247 20.10 -2.75 6.69
N ASN A 248 19.82 -1.50 6.33
CA ASN A 248 19.70 -0.42 7.30
C ASN A 248 18.34 0.25 7.14
N ARG A 249 17.77 0.69 8.26
CA ARG A 249 16.47 1.35 8.26
C ARG A 249 15.34 0.38 7.89
N GLN A 250 15.42 -0.83 8.43
CA GLN A 250 14.41 -1.85 8.17
C GLN A 250 13.03 -1.40 8.66
N ASP A 251 13.02 -0.63 9.74
CA ASP A 251 11.77 -0.09 10.29
C ASP A 251 10.89 0.54 9.21
N LEU A 252 11.51 1.04 8.16
CA LEU A 252 10.78 1.74 7.10
C LEU A 252 9.77 0.84 6.38
N LEU A 253 9.96 -0.47 6.47
CA LEU A 253 9.05 -1.43 5.84
C LEU A 253 8.44 -2.42 6.83
N VAL A 254 8.81 -2.31 8.10
CA VAL A 254 8.32 -3.24 9.12
C VAL A 254 7.46 -2.54 10.15
N THR A 255 6.34 -3.17 10.50
CA THR A 255 5.39 -2.60 11.45
C THR A 255 5.10 -3.57 12.59
N PHE A 256 5.63 -3.27 13.77
CA PHE A 256 5.31 -4.03 14.97
C PHE A 256 3.92 -3.68 15.47
N LYS A 257 2.97 -4.59 15.30
CA LYS A 257 1.63 -4.37 15.78
C LYS A 257 1.65 -4.30 17.31
N THR A 258 0.52 -3.95 17.91
CA THR A 258 0.45 -3.85 19.36
CA THR A 258 0.45 -3.84 19.37
C THR A 258 0.80 -5.17 20.02
N ALA A 259 1.60 -5.11 21.08
CA ALA A 259 2.06 -6.31 21.76
C ALA A 259 1.02 -6.83 22.74
N HIS A 260 1.04 -8.14 22.96
CA HIS A 260 0.23 -8.77 23.99
C HIS A 260 1.16 -9.39 25.03
N ALA A 261 0.59 -9.88 26.12
CA ALA A 261 1.38 -10.43 27.22
C ALA A 261 2.55 -11.28 26.73
N LYS A 262 2.27 -12.22 25.85
CA LYS A 262 3.27 -13.22 25.46
C LYS A 262 3.54 -13.29 23.96
N LYS A 263 2.84 -12.45 23.17
CA LYS A 263 3.00 -12.49 21.72
C LYS A 263 2.81 -11.12 21.11
N GLN A 264 3.29 -10.95 19.88
CA GLN A 264 3.19 -9.69 19.17
C GLN A 264 3.43 -9.93 17.69
N GLU A 265 2.52 -9.45 16.84
CA GLU A 265 2.62 -9.65 15.41
C GLU A 265 3.52 -8.60 14.76
N VAL A 266 4.31 -9.04 13.79
CA VAL A 266 5.10 -8.13 12.97
C VAL A 266 4.66 -8.25 11.52
N VAL A 267 4.23 -7.13 10.95
CA VAL A 267 3.76 -7.12 9.57
C VAL A 267 4.70 -6.25 8.73
N VAL A 268 4.59 -6.36 7.41
CA VAL A 268 5.49 -5.66 6.51
C VAL A 268 4.71 -4.91 5.43
N LEU A 269 5.23 -3.74 5.04
CA LEU A 269 4.62 -2.95 3.98
C LEU A 269 4.60 -3.73 2.67
N GLY A 270 3.77 -3.28 1.74
CA GLY A 270 3.68 -3.91 0.43
C GLY A 270 4.78 -3.40 -0.49
N SER A 271 4.83 -3.93 -1.71
CA SER A 271 5.81 -3.49 -2.68
C SER A 271 5.70 -2.00 -2.92
N GLN A 272 6.85 -1.34 -3.04
CA GLN A 272 6.89 0.10 -3.24
C GLN A 272 7.27 0.44 -4.67
N GLU A 273 7.05 -0.51 -5.57
CA GLU A 273 7.35 -0.30 -6.98
C GLU A 273 6.48 0.80 -7.57
N GLY A 274 5.23 0.86 -7.13
CA GLY A 274 4.30 1.86 -7.62
C GLY A 274 4.62 3.25 -7.11
N ALA A 275 5.00 3.33 -5.84
CA ALA A 275 5.35 4.61 -5.22
C ALA A 275 6.60 5.19 -5.86
N MET A 276 7.46 4.33 -6.37
CA MET A 276 8.70 4.74 -7.03
C MET A 276 8.43 5.18 -8.46
N HIS A 277 7.67 4.36 -9.18
CA HIS A 277 7.28 4.67 -10.55
C HIS A 277 6.71 6.08 -10.61
N THR A 278 5.90 6.45 -9.63
CA THR A 278 5.27 7.76 -9.59
C THR A 278 6.29 8.84 -9.27
N ALA A 279 7.20 8.54 -8.35
CA ALA A 279 8.25 9.50 -7.97
C ALA A 279 9.26 9.68 -9.09
N LEU A 280 9.38 8.67 -9.95
CA LEU A 280 10.30 8.72 -11.07
C LEU A 280 9.68 9.39 -12.30
N THR A 281 8.41 9.76 -12.19
CA THR A 281 7.71 10.41 -13.30
C THR A 281 8.47 11.65 -13.74
N GLY A 282 8.90 11.66 -14.99
CA GLY A 282 9.67 12.76 -15.54
C GLY A 282 11.13 12.41 -15.73
N ALA A 283 11.70 11.72 -14.75
CA ALA A 283 13.08 11.25 -14.83
C ALA A 283 13.30 10.51 -16.15
N THR A 284 14.41 10.81 -16.81
CA THR A 284 14.71 10.21 -18.10
C THR A 284 14.84 8.69 -17.99
N GLU A 285 14.06 7.98 -18.80
CA GLU A 285 14.16 6.52 -18.86
C GLU A 285 15.23 6.14 -19.89
N ILE A 286 15.91 5.03 -19.67
CA ILE A 286 17.00 4.63 -20.55
C ILE A 286 17.02 3.12 -20.81
N GLN A 287 17.67 2.73 -21.90
CA GLN A 287 17.70 1.33 -22.32
C GLN A 287 19.04 0.68 -21.95
N THR A 288 18.96 -0.42 -21.23
CA THR A 288 20.16 -1.15 -20.83
C THR A 288 19.97 -2.66 -20.88
N SER A 289 20.72 -3.32 -21.76
CA SER A 289 20.69 -4.77 -21.87
C SER A 289 21.86 -5.36 -21.09
N GLY A 290 21.54 -6.01 -19.97
CA GLY A 290 22.56 -6.60 -19.12
C GLY A 290 23.31 -5.55 -18.31
N THR A 291 24.62 -5.48 -18.53
CA THR A 291 25.46 -4.51 -17.81
C THR A 291 25.82 -3.34 -18.71
N THR A 292 25.16 -3.21 -19.84
CA THR A 292 25.46 -2.15 -20.80
C THR A 292 24.28 -1.20 -20.95
N THR A 293 24.56 0.10 -20.95
CA THR A 293 23.54 1.12 -21.13
C THR A 293 23.91 2.03 -22.29
N ILE A 294 23.04 2.11 -23.29
CA ILE A 294 23.31 2.90 -24.49
C ILE A 294 22.87 4.36 -24.31
N PHE A 295 23.74 5.28 -24.71
CA PHE A 295 23.43 6.70 -24.65
C PHE A 295 23.53 7.32 -26.03
N ALA A 296 22.97 8.53 -26.18
CA ALA A 296 23.13 9.30 -27.40
C ALA A 296 24.31 10.25 -27.20
N GLY A 297 25.51 9.76 -27.50
CA GLY A 297 26.73 10.45 -27.13
C GLY A 297 27.07 11.67 -27.97
N HIS A 298 28.03 12.43 -27.47
CA HIS A 298 28.48 13.64 -28.14
C HIS A 298 29.98 13.84 -27.91
N LEU A 299 30.73 13.95 -29.00
CA LEU A 299 32.19 14.06 -28.92
C LEU A 299 32.73 15.31 -29.60
N LYS A 300 33.73 15.93 -28.99
CA LYS A 300 34.53 16.94 -29.66
C LYS A 300 35.91 16.35 -29.90
N CYS A 301 36.36 16.39 -31.16
CA CYS A 301 37.57 15.67 -31.53
C CYS A 301 38.59 16.55 -32.23
N ARG A 302 39.87 16.30 -31.93
CA ARG A 302 40.97 16.93 -32.65
C ARG A 302 41.65 15.90 -33.53
N LEU A 303 41.60 16.10 -34.84
CA LEU A 303 42.24 15.21 -35.79
C LEU A 303 43.65 15.71 -36.11
N LYS A 304 44.64 14.85 -35.90
CA LYS A 304 46.01 15.19 -36.23
C LYS A 304 46.52 14.33 -37.39
N MET A 305 46.91 14.99 -38.47
CA MET A 305 47.49 14.31 -39.62
C MET A 305 48.66 15.14 -40.13
N ASP A 306 49.47 14.56 -41.00
CA ASP A 306 50.66 15.23 -41.50
C ASP A 306 50.28 16.46 -42.31
N LYS A 307 51.22 17.40 -42.39
CA LYS A 307 51.00 18.65 -43.13
C LYS A 307 50.28 18.36 -44.44
N LEU A 308 49.11 18.97 -44.62
CA LEU A 308 48.26 18.69 -45.77
C LEU A 308 47.24 19.81 -45.99
N THR A 309 47.04 20.18 -47.25
CA THR A 309 46.10 21.24 -47.60
C THR A 309 44.71 20.67 -47.80
N LEU A 310 43.81 20.96 -46.87
CA LEU A 310 42.44 20.45 -46.93
C LEU A 310 41.54 21.37 -47.76
N LYS A 311 40.44 20.81 -48.24
CA LYS A 311 39.45 21.56 -49.00
C LYS A 311 38.27 21.90 -48.10
N GLY A 312 38.26 23.11 -47.56
CA GLY A 312 37.19 23.54 -46.69
C GLY A 312 35.87 23.61 -47.42
N MET A 313 34.78 23.36 -46.69
CA MET A 313 33.44 23.38 -47.28
C MET A 313 32.60 24.52 -46.69
N SER A 314 32.06 25.35 -47.56
CA SER A 314 31.24 26.48 -47.15
C SER A 314 29.76 26.21 -47.39
N TYR A 315 28.91 26.77 -46.53
CA TYR A 315 27.47 26.62 -46.66
C TYR A 315 26.78 27.98 -46.52
N VAL A 316 26.03 28.36 -47.53
CA VAL A 316 25.24 29.59 -47.49
C VAL A 316 24.02 29.39 -46.58
N MET A 317 23.61 30.46 -45.92
CA MET A 317 22.44 30.40 -45.05
C MET A 317 21.21 30.03 -45.88
N CYS A 318 20.39 29.13 -45.34
CA CYS A 318 19.15 28.75 -46.00
C CYS A 318 18.27 29.98 -46.19
N THR A 319 17.49 30.00 -47.28
CA THR A 319 16.63 31.13 -47.60
C THR A 319 15.16 30.75 -47.55
N GLY A 320 14.86 29.45 -47.58
CA GLY A 320 13.50 28.97 -47.62
C GLY A 320 12.88 28.83 -46.24
N SER A 321 11.85 27.99 -46.15
CA SER A 321 11.10 27.80 -44.92
C SER A 321 11.39 26.46 -44.25
N PHE A 322 11.07 26.39 -42.97
CA PHE A 322 11.26 25.16 -42.19
C PHE A 322 9.94 24.74 -41.55
N LYS A 323 9.68 23.45 -41.53
CA LYS A 323 8.52 22.90 -40.84
C LYS A 323 8.94 21.97 -39.71
N LEU A 324 8.24 22.06 -38.59
CA LEU A 324 8.54 21.22 -37.43
C LEU A 324 8.04 19.80 -37.67
N GLU A 325 8.95 18.92 -38.05
CA GLU A 325 8.59 17.53 -38.33
C GLU A 325 7.93 16.89 -37.12
N LYS A 326 8.35 17.29 -35.92
CA LYS A 326 7.73 16.80 -34.70
C LYS A 326 7.88 17.77 -33.54
N GLU A 327 7.21 17.46 -32.44
CA GLU A 327 7.09 18.37 -31.30
C GLU A 327 8.43 18.63 -30.61
N VAL A 328 8.60 19.86 -30.12
CA VAL A 328 9.80 20.24 -29.39
C VAL A 328 9.94 19.38 -28.14
N ALA A 329 11.00 18.57 -28.09
CA ALA A 329 11.24 17.69 -26.95
C ALA A 329 12.11 18.39 -25.91
N GLU A 330 11.95 17.99 -24.66
CA GLU A 330 12.66 18.62 -23.55
C GLU A 330 13.52 17.60 -22.80
N THR A 331 14.81 17.88 -22.69
CA THR A 331 15.71 17.02 -21.92
C THR A 331 15.63 17.41 -20.45
N GLN A 332 16.31 16.65 -19.59
CA GLN A 332 16.24 16.89 -18.15
C GLN A 332 17.49 17.60 -17.63
N HIS A 333 18.26 18.20 -18.53
CA HIS A 333 19.43 18.96 -18.12
C HIS A 333 19.57 20.30 -18.87
N GLY A 334 18.43 20.94 -19.12
CA GLY A 334 18.42 22.33 -19.55
C GLY A 334 18.35 22.57 -21.05
N THR A 335 18.18 21.52 -21.84
CA THR A 335 18.14 21.65 -23.29
C THR A 335 16.79 21.25 -23.88
N VAL A 336 16.62 21.50 -25.18
CA VAL A 336 15.46 21.06 -25.93
C VAL A 336 15.90 20.61 -27.31
N LEU A 337 15.23 19.58 -27.84
CA LEU A 337 15.57 19.06 -29.16
CA LEU A 337 15.55 19.04 -29.16
C LEU A 337 14.51 19.49 -30.18
N VAL A 338 14.97 20.13 -31.25
CA VAL A 338 14.07 20.63 -32.29
C VAL A 338 14.42 20.03 -33.65
N GLN A 339 13.54 19.19 -34.17
CA GLN A 339 13.73 18.60 -35.49
C GLN A 339 12.88 19.35 -36.50
N VAL A 340 13.50 19.80 -37.59
CA VAL A 340 12.81 20.58 -38.61
C VAL A 340 12.99 19.96 -39.99
N LYS A 341 12.19 20.42 -40.94
CA LYS A 341 12.29 19.99 -42.33
C LYS A 341 12.29 21.22 -43.24
N TYR A 342 13.21 21.25 -44.19
CA TYR A 342 13.41 22.42 -45.03
C TYR A 342 12.51 22.40 -46.26
N GLU A 343 11.98 23.56 -46.63
CA GLU A 343 11.07 23.69 -47.76
C GLU A 343 11.68 24.52 -48.89
N GLY A 344 12.96 24.87 -48.75
CA GLY A 344 13.62 25.71 -49.73
C GLY A 344 14.32 24.93 -50.82
N THR A 345 15.02 25.64 -51.70
CA THR A 345 15.62 25.04 -52.88
C THR A 345 17.13 25.24 -52.96
N ASP A 346 17.76 25.58 -51.83
CA ASP A 346 19.17 25.93 -51.83
C ASP A 346 20.03 25.03 -50.94
N ALA A 347 19.60 23.80 -50.75
CA ALA A 347 20.41 22.83 -50.00
C ALA A 347 21.58 22.36 -50.85
N PRO A 348 22.73 22.09 -50.22
CA PRO A 348 22.93 22.18 -48.77
C PRO A 348 23.10 23.62 -48.28
N CYS A 349 22.58 23.92 -47.10
CA CYS A 349 22.64 25.28 -46.56
C CYS A 349 22.68 25.29 -45.04
N LYS A 350 23.13 26.42 -44.48
CA LYS A 350 23.23 26.59 -43.04
C LYS A 350 21.91 27.10 -42.46
N ILE A 351 21.34 26.33 -41.55
CA ILE A 351 20.07 26.71 -40.92
C ILE A 351 20.23 27.93 -40.03
N PRO A 352 19.57 29.04 -40.39
CA PRO A 352 19.59 30.23 -39.53
C PRO A 352 18.89 29.96 -38.20
N PHE A 353 19.61 30.11 -37.09
CA PHE A 353 19.03 29.86 -35.77
C PHE A 353 19.21 31.08 -34.86
N SER A 354 18.25 31.29 -33.97
CA SER A 354 18.30 32.41 -33.05
C SER A 354 17.44 32.14 -31.82
N SER A 355 17.85 32.74 -30.70
CA SER A 355 17.12 32.60 -29.44
C SER A 355 16.84 33.98 -28.85
N GLN A 356 15.65 34.18 -28.31
CA GLN A 356 15.27 35.47 -27.77
C GLN A 356 14.56 35.31 -26.42
N ASP A 357 15.06 35.99 -25.40
CA ASP A 357 14.45 35.92 -24.08
C ASP A 357 13.05 36.54 -24.10
N GLU A 358 12.36 36.44 -22.98
CA GLU A 358 10.98 36.92 -22.88
C GLU A 358 10.74 38.29 -23.51
N LYS A 359 11.80 39.09 -23.65
CA LYS A 359 11.66 40.42 -24.22
C LYS A 359 12.60 40.68 -25.40
N GLY A 360 12.53 39.81 -26.40
CA GLY A 360 13.16 40.04 -27.70
C GLY A 360 14.62 40.45 -27.68
N VAL A 361 15.41 39.83 -26.79
CA VAL A 361 16.85 40.03 -26.80
C VAL A 361 17.53 38.84 -27.45
N THR A 362 18.12 39.06 -28.63
CA THR A 362 18.84 37.99 -29.31
C THR A 362 20.07 37.63 -28.49
N GLN A 363 20.27 36.35 -28.24
CA GLN A 363 21.28 35.89 -27.28
C GLN A 363 22.64 35.63 -27.92
N ASN A 364 22.68 35.51 -29.24
CA ASN A 364 23.93 35.27 -29.95
C ASN A 364 24.66 34.05 -29.39
N GLY A 365 23.90 33.00 -29.13
CA GLY A 365 24.46 31.77 -28.59
C GLY A 365 23.37 30.75 -28.30
N ARG A 366 23.63 29.88 -27.33
CA ARG A 366 22.67 28.88 -26.88
C ARG A 366 22.38 27.80 -27.93
N LEU A 367 23.18 27.79 -29.00
CA LEU A 367 23.08 26.74 -30.01
C LEU A 367 24.08 25.64 -29.71
N ILE A 368 23.57 24.45 -29.40
CA ILE A 368 24.42 23.35 -28.99
C ILE A 368 24.95 22.54 -30.18
N THR A 369 24.09 22.30 -31.16
CA THR A 369 24.48 21.58 -32.36
C THR A 369 25.64 22.29 -33.06
N ALA A 370 26.68 21.54 -33.37
CA ALA A 370 27.86 22.10 -34.03
C ALA A 370 27.57 22.38 -35.50
N ASN A 371 26.95 21.40 -36.16
CA ASN A 371 26.70 21.50 -37.60
C ASN A 371 25.21 21.53 -37.92
N PRO A 372 24.59 22.71 -37.77
CA PRO A 372 23.17 22.92 -38.12
C PRO A 372 23.00 23.08 -39.63
N ILE A 373 23.22 22.01 -40.38
CA ILE A 373 23.21 22.08 -41.83
C ILE A 373 22.13 21.21 -42.45
N VAL A 374 21.40 21.78 -43.41
CA VAL A 374 20.48 21.01 -44.24
C VAL A 374 21.25 20.43 -45.41
N THR A 375 21.93 19.30 -45.18
CA THR A 375 22.72 18.68 -46.23
C THR A 375 21.82 18.03 -47.27
N ASP A 376 20.62 17.66 -46.84
CA ASP A 376 19.63 17.05 -47.74
C ASP A 376 18.26 17.62 -47.44
N LYS A 377 17.59 18.12 -48.48
CA LYS A 377 16.29 18.76 -48.33
C LYS A 377 15.25 17.80 -47.77
N GLU A 378 15.36 16.53 -48.12
CA GLU A 378 14.35 15.54 -47.74
C GLU A 378 14.64 14.92 -46.37
N LYS A 379 15.79 15.25 -45.79
CA LYS A 379 16.14 14.74 -44.47
C LYS A 379 15.87 15.80 -43.41
N PRO A 380 15.12 15.44 -42.36
CA PRO A 380 14.92 16.37 -41.25
C PRO A 380 16.21 16.65 -40.49
N VAL A 381 16.33 17.82 -39.89
CA VAL A 381 17.55 18.20 -39.19
C VAL A 381 17.31 18.41 -37.71
N ASN A 382 18.04 17.68 -36.88
CA ASN A 382 17.93 17.81 -35.44
C ASN A 382 18.72 19.00 -34.92
N ILE A 383 18.11 19.80 -34.04
CA ILE A 383 18.76 20.97 -33.49
C ILE A 383 18.60 21.02 -31.97
N GLU A 384 19.72 20.92 -31.26
CA GLU A 384 19.72 21.05 -29.81
C GLU A 384 20.09 22.47 -29.42
N ALA A 385 19.36 23.04 -28.47
CA ALA A 385 19.63 24.38 -27.99
C ALA A 385 19.34 24.48 -26.50
N GLU A 386 19.87 25.52 -25.86
CA GLU A 386 19.73 25.69 -24.42
C GLU A 386 19.03 27.02 -24.13
N PRO A 387 17.70 27.02 -24.08
CA PRO A 387 16.90 28.24 -23.85
C PRO A 387 17.21 28.89 -22.52
N PRO A 388 16.97 30.21 -22.41
CA PRO A 388 17.07 30.88 -21.11
C PRO A 388 16.02 30.33 -20.16
N PHE A 389 16.15 30.58 -18.87
CA PHE A 389 15.11 30.19 -17.93
C PHE A 389 13.95 31.17 -18.05
N GLY A 390 12.74 30.65 -17.89
CA GLY A 390 11.54 31.46 -18.05
C GLY A 390 11.04 31.41 -19.48
N GLU A 391 10.36 32.48 -19.90
CA GLU A 391 9.83 32.57 -21.25
C GLU A 391 10.92 32.96 -22.24
N SER A 392 10.75 32.51 -23.48
CA SER A 392 11.72 32.82 -24.54
C SER A 392 11.12 32.47 -25.90
N TYR A 393 11.92 32.65 -26.96
CA TYR A 393 11.47 32.32 -28.30
C TYR A 393 12.60 31.70 -29.12
N ILE A 394 12.29 30.58 -29.77
CA ILE A 394 13.23 29.94 -30.69
C ILE A 394 12.87 30.33 -32.12
N VAL A 395 13.89 30.57 -32.94
CA VAL A 395 13.66 31.02 -34.31
C VAL A 395 14.59 30.31 -35.29
N VAL A 396 14.01 29.51 -36.17
CA VAL A 396 14.76 28.84 -37.22
C VAL A 396 14.29 29.33 -38.58
N GLY A 397 15.24 29.70 -39.43
CA GLY A 397 14.94 30.34 -40.70
C GLY A 397 15.15 31.84 -40.59
N ALA A 398 15.08 32.53 -41.72
CA ALA A 398 15.35 33.97 -41.75
C ALA A 398 14.19 34.77 -42.32
N GLY A 399 14.02 35.99 -41.82
CA GLY A 399 13.03 36.92 -42.34
C GLY A 399 11.62 36.64 -41.86
N GLU A 400 10.66 36.78 -42.77
CA GLU A 400 9.25 36.57 -42.47
C GLU A 400 8.93 35.09 -42.61
N LYS A 401 9.83 34.38 -43.28
CA LYS A 401 9.69 32.95 -43.52
C LYS A 401 10.20 32.14 -42.33
N ALA A 402 10.36 32.80 -41.18
CA ALA A 402 10.96 32.18 -40.01
C ALA A 402 9.94 31.47 -39.12
N LEU A 403 10.35 30.33 -38.57
CA LEU A 403 9.53 29.57 -37.65
C LEU A 403 9.71 30.10 -36.23
N LYS A 404 8.68 30.71 -35.68
CA LYS A 404 8.77 31.33 -34.36
C LYS A 404 8.01 30.51 -33.32
N LEU A 405 8.71 30.13 -32.26
CA LEU A 405 8.14 29.28 -31.22
C LEU A 405 8.43 29.85 -29.84
N SER A 406 7.38 29.95 -29.00
CA SER A 406 7.54 30.45 -27.64
C SER A 406 7.76 29.29 -26.68
N TRP A 407 8.76 29.42 -25.81
CA TRP A 407 9.16 28.34 -24.92
C TRP A 407 9.28 28.83 -23.47
N PHE A 408 8.75 28.05 -22.54
CA PHE A 408 8.95 28.34 -21.11
C PHE A 408 9.84 27.27 -20.48
N LYS A 409 10.87 27.71 -19.79
CA LYS A 409 11.84 26.82 -19.18
C LYS A 409 11.83 26.98 -17.67
N LYS A 410 11.50 25.89 -16.97
CA LYS A 410 11.37 25.92 -15.52
C LYS A 410 12.72 25.77 -14.83
N GLY A 411 12.84 26.35 -13.64
CA GLY A 411 14.06 26.25 -12.86
C GLY A 411 14.46 24.80 -12.65
N SER A 412 15.71 24.59 -12.26
CA SER A 412 16.24 23.25 -12.08
C SER A 412 15.61 22.55 -10.87
N SER A 413 15.53 21.22 -10.94
CA SER A 413 15.00 20.41 -9.85
C SER A 413 15.78 19.11 -9.77
N ILE A 414 15.80 18.49 -8.60
CA ILE A 414 16.52 17.24 -8.39
C ILE A 414 15.61 16.03 -8.55
N GLY A 415 14.32 16.28 -8.73
CA GLY A 415 13.36 15.21 -8.90
C GLY A 415 12.11 15.41 -8.06
N LYS A 416 11.28 14.38 -8.00
CA LYS A 416 10.02 14.46 -7.27
C LYS A 416 10.08 13.64 -5.98
N MET A 417 9.42 14.14 -4.94
CA MET A 417 9.47 13.52 -3.63
C MET A 417 8.86 12.12 -3.64
N PHE A 418 9.63 11.14 -3.19
CA PHE A 418 9.10 9.81 -2.97
C PHE A 418 8.25 9.81 -1.71
N GLU A 419 6.95 9.61 -1.87
CA GLU A 419 6.02 9.65 -0.75
C GLU A 419 5.67 8.24 -0.27
N ARG B 18 -24.72 -24.58 43.57
CA ARG B 18 -24.18 -24.06 42.33
C ARG B 18 -25.17 -23.11 41.65
N CYS B 19 -26.46 -23.31 41.93
CA CYS B 19 -27.50 -22.48 41.35
C CYS B 19 -27.87 -21.34 42.28
N VAL B 20 -28.33 -20.23 41.72
CA VAL B 20 -28.75 -19.09 42.50
C VAL B 20 -30.24 -19.20 42.80
N GLY B 21 -30.59 -19.08 44.08
CA GLY B 21 -31.98 -19.18 44.49
C GLY B 21 -32.75 -17.90 44.23
N ILE B 22 -33.96 -18.04 43.71
CA ILE B 22 -34.81 -16.89 43.43
C ILE B 22 -35.28 -16.27 44.75
N GLY B 23 -35.33 -14.94 44.78
CA GLY B 23 -35.73 -14.24 45.99
C GLY B 23 -37.24 -14.02 46.06
N ASN B 24 -37.70 -13.58 47.22
CA ASN B 24 -39.12 -13.33 47.43
C ASN B 24 -39.66 -12.23 46.51
N ARG B 25 -38.80 -11.28 46.16
CA ARG B 25 -39.19 -10.14 45.34
C ARG B 25 -39.32 -10.49 43.86
N ASP B 26 -38.88 -11.69 43.49
CA ASP B 26 -38.87 -12.10 42.08
C ASP B 26 -40.01 -13.03 41.71
N PHE B 27 -41.02 -13.14 42.56
CA PHE B 27 -42.21 -13.90 42.21
C PHE B 27 -43.47 -13.43 42.95
N VAL B 28 -44.62 -13.81 42.41
CA VAL B 28 -45.91 -13.42 42.98
C VAL B 28 -46.88 -14.60 42.91
N GLU B 29 -47.41 -15.00 44.07
CA GLU B 29 -48.48 -15.98 44.10
C GLU B 29 -49.79 -15.25 44.28
N GLY B 30 -50.72 -15.46 43.36
CA GLY B 30 -52.01 -14.80 43.43
C GLY B 30 -52.96 -15.52 44.35
N LEU B 31 -53.78 -14.76 45.07
CA LEU B 31 -54.83 -15.33 45.91
CA LEU B 31 -54.82 -15.34 45.92
C LEU B 31 -55.62 -16.32 45.08
N SER B 32 -55.75 -16.02 43.80
CA SER B 32 -56.39 -16.89 42.82
C SER B 32 -55.67 -16.68 41.50
N GLY B 33 -55.45 -17.77 40.76
CA GLY B 33 -54.77 -17.68 39.47
C GLY B 33 -53.46 -18.44 39.43
N ALA B 34 -52.36 -17.73 39.26
CA ALA B 34 -51.08 -18.34 39.00
C ALA B 34 -49.97 -17.85 39.92
N THR B 35 -48.80 -18.48 39.80
CA THR B 35 -47.58 -17.95 40.37
C THR B 35 -46.71 -17.46 39.22
N TRP B 36 -46.44 -16.15 39.20
CA TRP B 36 -45.58 -15.57 38.18
C TRP B 36 -44.19 -15.34 38.76
N VAL B 37 -43.16 -15.68 38.00
CA VAL B 37 -41.79 -15.61 38.49
C VAL B 37 -40.88 -14.90 37.50
N ASP B 38 -39.94 -14.10 38.01
CA ASP B 38 -38.96 -13.42 37.19
C ASP B 38 -37.57 -14.00 37.39
N VAL B 39 -36.99 -14.50 36.30
CA VAL B 39 -35.64 -15.02 36.34
C VAL B 39 -34.81 -14.46 35.20
N VAL B 40 -33.51 -14.29 35.44
CA VAL B 40 -32.59 -13.86 34.40
C VAL B 40 -31.55 -14.96 34.17
N LEU B 41 -31.43 -15.41 32.93
CA LEU B 41 -30.56 -16.53 32.61
C LEU B 41 -29.27 -16.05 31.94
N GLU B 42 -28.13 -16.43 32.51
CA GLU B 42 -26.84 -16.04 31.95
C GLU B 42 -25.95 -17.26 31.76
N HIS B 43 -25.24 -17.28 30.64
CA HIS B 43 -24.25 -18.30 30.34
C HIS B 43 -23.39 -18.64 31.56
N GLY B 44 -23.33 -19.92 31.89
CA GLY B 44 -22.46 -20.41 32.95
C GLY B 44 -23.05 -20.33 34.34
N SER B 45 -24.29 -19.85 34.43
CA SER B 45 -24.97 -19.75 35.71
C SER B 45 -26.41 -20.27 35.60
N CYS B 46 -26.91 -20.85 36.68
CA CYS B 46 -28.26 -21.38 36.70
C CYS B 46 -29.05 -20.81 37.87
N VAL B 47 -30.37 -20.82 37.75
CA VAL B 47 -31.24 -20.34 38.82
C VAL B 47 -32.10 -21.49 39.32
N THR B 48 -32.51 -21.42 40.59
CA THR B 48 -33.26 -22.51 41.18
C THR B 48 -34.31 -22.03 42.18
N THR B 49 -35.28 -22.90 42.45
CA THR B 49 -36.31 -22.63 43.45
C THR B 49 -36.97 -23.94 43.84
N MET B 50 -37.89 -23.88 44.81
CA MET B 50 -38.66 -25.06 45.18
C MET B 50 -39.94 -24.65 45.88
N ALA B 51 -40.99 -25.45 45.70
CA ALA B 51 -42.28 -25.16 46.29
C ALA B 51 -42.49 -25.97 47.57
N LYS B 52 -43.45 -25.54 48.38
CA LYS B 52 -43.77 -26.20 49.64
C LYS B 52 -43.80 -27.72 49.47
N ASP B 53 -42.79 -28.40 50.02
CA ASP B 53 -42.70 -29.86 49.94
C ASP B 53 -42.79 -30.38 48.52
N LYS B 54 -41.91 -29.87 47.65
CA LYS B 54 -41.80 -30.35 46.28
C LYS B 54 -40.34 -30.37 45.84
N PRO B 55 -40.05 -31.03 44.72
CA PRO B 55 -38.66 -31.12 44.22
C PRO B 55 -38.08 -29.76 43.84
N THR B 56 -36.76 -29.69 43.73
CA THR B 56 -36.09 -28.46 43.34
C THR B 56 -36.13 -28.30 41.81
N LEU B 57 -36.35 -27.06 41.36
CA LEU B 57 -36.48 -26.78 39.93
C LEU B 57 -35.35 -25.87 39.48
N ASP B 58 -34.63 -26.29 38.43
CA ASP B 58 -33.50 -25.52 37.92
C ASP B 58 -33.72 -25.08 36.48
N ILE B 59 -33.42 -23.82 36.20
CA ILE B 59 -33.49 -23.28 34.85
C ILE B 59 -32.11 -22.75 34.46
N GLU B 60 -31.61 -23.18 33.30
CA GLU B 60 -30.26 -22.82 32.89
C GLU B 60 -30.15 -22.60 31.39
N LEU B 61 -29.63 -21.44 31.00
CA LEU B 61 -29.37 -21.14 29.60
C LEU B 61 -28.12 -21.88 29.15
N LEU B 62 -28.27 -22.74 28.15
CA LEU B 62 -27.18 -23.61 27.70
C LEU B 62 -26.38 -23.01 26.55
N LYS B 63 -27.04 -22.30 25.65
CA LYS B 63 -26.39 -21.91 24.40
C LYS B 63 -27.19 -20.87 23.63
N THR B 64 -26.49 -19.90 23.06
CA THR B 64 -27.09 -18.91 22.17
C THR B 64 -26.51 -19.09 20.78
N GLU B 65 -27.38 -19.22 19.79
CA GLU B 65 -26.95 -19.63 18.45
C GLU B 65 -27.51 -18.72 17.35
N VAL B 66 -26.59 -18.17 16.56
CA VAL B 66 -26.96 -17.42 15.36
C VAL B 66 -26.67 -18.30 14.14
N THR B 67 -27.71 -18.64 13.38
CA THR B 67 -27.57 -19.59 12.30
C THR B 67 -28.11 -19.08 10.97
N ASN B 68 -27.31 -19.24 9.92
CA ASN B 68 -27.73 -18.91 8.55
C ASN B 68 -28.27 -17.49 8.39
N PRO B 69 -27.53 -16.48 8.89
CA PRO B 69 -27.90 -15.09 8.60
C PRO B 69 -27.67 -14.73 7.15
N ALA B 70 -28.40 -13.74 6.65
CA ALA B 70 -28.32 -13.35 5.24
C ALA B 70 -27.12 -12.46 4.96
N VAL B 71 -26.54 -12.61 3.78
CA VAL B 71 -25.45 -11.75 3.36
C VAL B 71 -26.00 -10.41 2.86
N LEU B 72 -25.33 -9.33 3.25
CA LEU B 72 -25.77 -7.98 2.90
C LEU B 72 -25.01 -7.54 1.66
N ARG B 73 -23.69 -7.62 1.72
CA ARG B 73 -22.82 -7.33 0.60
C ARG B 73 -21.59 -8.22 0.67
N LYS B 74 -20.87 -8.31 -0.43
CA LYS B 74 -19.59 -9.00 -0.46
C LYS B 74 -18.52 -8.03 -0.91
N LEU B 75 -17.46 -7.89 -0.13
CA LEU B 75 -16.36 -7.01 -0.48
C LEU B 75 -15.16 -7.82 -0.94
N CYS B 76 -14.42 -7.29 -1.90
CA CYS B 76 -13.24 -7.96 -2.43
C CYS B 76 -11.98 -7.31 -1.89
N ILE B 77 -11.13 -8.10 -1.25
CA ILE B 77 -9.88 -7.60 -0.68
C ILE B 77 -8.68 -7.99 -1.55
N GLU B 78 -8.91 -8.91 -2.48
CA GLU B 78 -7.85 -9.29 -3.42
C GLU B 78 -8.47 -9.74 -4.74
N ALA B 79 -7.95 -9.19 -5.84
CA ALA B 79 -8.43 -9.56 -7.16
C ALA B 79 -7.27 -9.93 -8.08
N LYS B 80 -7.57 -10.74 -9.10
CA LYS B 80 -6.59 -11.10 -10.12
C LYS B 80 -7.09 -10.70 -11.49
N ILE B 81 -6.25 -9.97 -12.23
CA ILE B 81 -6.58 -9.56 -13.58
C ILE B 81 -5.98 -10.53 -14.59
N SER B 82 -6.70 -10.77 -15.68
CA SER B 82 -6.26 -11.69 -16.71
C SER B 82 -6.83 -11.31 -18.07
N ASN B 83 -6.18 -11.78 -19.13
CA ASN B 83 -6.67 -11.60 -20.48
C ASN B 83 -6.92 -10.12 -20.80
N THR B 84 -5.90 -9.30 -20.59
CA THR B 84 -5.98 -7.88 -20.86
C THR B 84 -5.84 -7.67 -22.37
N THR B 85 -6.85 -7.07 -22.99
CA THR B 85 -6.88 -6.90 -24.44
C THR B 85 -7.27 -5.47 -24.79
N THR B 86 -6.68 -4.96 -25.88
CA THR B 86 -6.89 -3.58 -26.28
C THR B 86 -7.35 -3.47 -27.73
N ASP B 87 -8.13 -2.43 -28.01
CA ASP B 87 -8.57 -2.12 -29.37
C ASP B 87 -8.37 -0.63 -29.61
N SER B 88 -7.90 -0.27 -30.80
CA SER B 88 -7.59 1.12 -31.09
C SER B 88 -7.97 1.53 -32.50
N ARG B 89 -8.33 2.80 -32.66
CA ARG B 89 -8.67 3.36 -33.95
C ARG B 89 -7.75 4.54 -34.25
N CYS B 90 -7.51 4.79 -35.53
CA CYS B 90 -6.69 5.93 -35.93
C CYS B 90 -7.52 7.21 -35.90
N PRO B 91 -6.85 8.36 -35.93
CA PRO B 91 -7.58 9.63 -36.00
C PRO B 91 -8.56 9.62 -37.17
N THR B 92 -9.84 9.83 -36.86
CA THR B 92 -10.90 9.91 -37.86
C THR B 92 -11.58 8.57 -38.16
N GLN B 93 -11.10 7.50 -37.56
CA GLN B 93 -11.65 6.17 -37.84
C GLN B 93 -12.67 5.72 -36.79
N GLY B 94 -13.19 6.68 -36.02
CA GLY B 94 -14.25 6.38 -35.08
C GLY B 94 -13.76 5.86 -33.74
N GLU B 95 -14.72 5.51 -32.87
CA GLU B 95 -14.40 5.04 -31.53
C GLU B 95 -14.00 3.57 -31.55
N ALA B 96 -13.13 3.19 -30.61
CA ALA B 96 -12.67 1.81 -30.51
C ALA B 96 -13.76 0.93 -29.92
N THR B 97 -13.58 -0.39 -30.01
CA THR B 97 -14.56 -1.33 -29.51
C THR B 97 -13.90 -2.67 -29.19
N LEU B 98 -14.36 -3.31 -28.13
CA LEU B 98 -13.82 -4.60 -27.71
C LEU B 98 -14.94 -5.59 -27.43
N VAL B 99 -14.72 -6.84 -27.82
CA VAL B 99 -15.67 -7.91 -27.51
C VAL B 99 -15.83 -8.02 -26.00
N GLU B 100 -14.76 -7.68 -25.29
CA GLU B 100 -14.76 -7.74 -23.84
C GLU B 100 -15.72 -6.72 -23.23
N GLU B 101 -16.09 -5.71 -24.01
CA GLU B 101 -17.00 -4.66 -23.53
C GLU B 101 -18.28 -5.22 -22.94
N GLN B 102 -18.70 -6.39 -23.40
CA GLN B 102 -20.01 -6.92 -23.01
C GLN B 102 -19.94 -7.75 -21.74
N ASP B 103 -19.05 -8.74 -21.72
CA ASP B 103 -18.92 -9.62 -20.56
C ASP B 103 -18.61 -8.81 -19.31
N THR B 104 -19.51 -8.89 -18.34
CA THR B 104 -19.42 -8.08 -17.13
C THR B 104 -18.19 -8.41 -16.27
N ASN B 105 -17.56 -9.53 -16.55
CA ASN B 105 -16.36 -9.92 -15.82
C ASN B 105 -15.14 -9.10 -16.25
N PHE B 106 -15.34 -8.21 -17.22
CA PHE B 106 -14.27 -7.33 -17.67
C PHE B 106 -14.44 -5.91 -17.15
N VAL B 107 -13.34 -5.35 -16.66
CA VAL B 107 -13.30 -3.95 -16.29
C VAL B 107 -12.62 -3.19 -17.42
N CYS B 108 -13.35 -2.26 -18.01
CA CYS B 108 -12.85 -1.55 -19.18
C CYS B 108 -12.55 -0.08 -18.89
N ARG B 109 -11.72 0.52 -19.74
CA ARG B 109 -11.43 1.94 -19.64
C ARG B 109 -11.09 2.50 -21.01
N ARG B 110 -11.81 3.55 -21.40
CA ARG B 110 -11.62 4.16 -22.71
C ARG B 110 -10.79 5.43 -22.58
N THR B 111 -10.13 5.83 -23.65
CA THR B 111 -9.27 7.00 -23.64
C THR B 111 -8.78 7.35 -25.05
N PHE B 112 -8.04 8.44 -25.14
CA PHE B 112 -7.43 8.85 -26.41
C PHE B 112 -5.92 8.84 -26.32
N VAL B 113 -5.28 8.26 -27.34
CA VAL B 113 -3.82 8.18 -27.40
C VAL B 113 -3.30 8.98 -28.58
N ASP B 114 -2.00 9.23 -28.58
CA ASP B 114 -1.37 9.96 -29.67
C ASP B 114 -1.00 9.05 -30.83
N ARG B 115 -1.71 9.22 -31.94
CA ARG B 115 -1.29 8.63 -33.21
C ARG B 115 -0.72 9.76 -34.05
N GLY B 116 -0.18 10.76 -33.36
CA GLY B 116 0.28 11.99 -34.00
C GLY B 116 1.10 11.74 -35.25
N GLY B 118 1.74 7.24 -38.95
CA GLY B 118 1.68 7.28 -37.50
C GLY B 118 1.33 5.93 -36.91
N ASN B 119 2.35 5.10 -36.71
CA ASN B 119 2.17 3.76 -36.15
C ASN B 119 0.81 3.14 -36.46
N GLY B 120 0.47 3.07 -37.74
CA GLY B 120 -0.80 2.50 -38.17
C GLY B 120 -1.78 3.54 -38.65
N CYS B 121 -1.37 4.81 -38.59
CA CYS B 121 -2.24 5.92 -38.93
C CYS B 121 -1.53 6.87 -39.88
N GLY B 122 -2.16 7.12 -41.02
CA GLY B 122 -1.63 8.05 -42.00
C GLY B 122 -1.92 9.51 -41.67
N LEU B 123 -2.81 9.74 -40.71
CA LEU B 123 -3.12 11.10 -40.25
C LEU B 123 -2.50 11.33 -38.88
N PHE B 124 -2.23 12.58 -38.56
CA PHE B 124 -1.57 12.93 -37.31
C PHE B 124 -2.55 13.57 -36.33
N GLY B 125 -2.83 12.86 -35.23
CA GLY B 125 -3.75 13.34 -34.21
C GLY B 125 -3.98 12.32 -33.11
N LYS B 126 -5.12 12.41 -32.44
CA LYS B 126 -5.48 11.50 -31.37
C LYS B 126 -6.32 10.34 -31.90
N GLY B 127 -6.03 9.14 -31.42
CA GLY B 127 -6.77 7.96 -31.80
C GLY B 127 -7.51 7.34 -30.63
N SER B 128 -8.72 6.84 -30.89
CA SER B 128 -9.55 6.24 -29.85
C SER B 128 -8.99 4.89 -29.43
N LEU B 129 -8.91 4.68 -28.11
CA LEU B 129 -8.40 3.43 -27.56
C LEU B 129 -9.27 2.98 -26.39
N ILE B 130 -9.36 1.66 -26.21
CA ILE B 130 -10.09 1.09 -25.09
C ILE B 130 -9.46 -0.22 -24.64
N THR B 131 -9.48 -0.47 -23.34
CA THR B 131 -8.88 -1.66 -22.75
C THR B 131 -9.91 -2.42 -21.91
N CYS B 132 -9.73 -3.72 -21.79
CA CYS B 132 -10.61 -4.55 -20.97
C CYS B 132 -9.84 -5.75 -20.42
N ALA B 133 -10.01 -6.00 -19.13
CA ALA B 133 -9.26 -7.06 -18.46
C ALA B 133 -10.17 -7.83 -17.50
N LYS B 134 -10.00 -9.15 -17.46
CA LYS B 134 -10.88 -10.02 -16.67
C LYS B 134 -10.66 -9.84 -15.17
N PHE B 135 -11.61 -9.19 -14.51
CA PHE B 135 -11.58 -9.01 -13.07
C PHE B 135 -12.05 -10.27 -12.37
N LYS B 136 -11.23 -10.77 -11.45
CA LYS B 136 -11.56 -11.98 -10.70
C LYS B 136 -11.21 -11.79 -9.23
N CYS B 137 -12.19 -12.01 -8.35
CA CYS B 137 -11.98 -11.87 -6.92
C CYS B 137 -11.46 -13.17 -6.32
N VAL B 138 -10.19 -13.15 -5.91
CA VAL B 138 -9.57 -14.33 -5.32
C VAL B 138 -10.11 -14.55 -3.92
N THR B 139 -10.08 -13.49 -3.11
CA THR B 139 -10.50 -13.58 -1.72
C THR B 139 -11.54 -12.50 -1.42
N LYS B 140 -12.64 -12.92 -0.78
CA LYS B 140 -13.72 -12.00 -0.44
C LYS B 140 -14.08 -12.08 1.03
N LEU B 141 -14.62 -10.98 1.56
CA LEU B 141 -15.21 -10.99 2.90
C LEU B 141 -16.69 -10.70 2.77
N GLU B 142 -17.49 -11.29 3.66
CA GLU B 142 -18.93 -11.13 3.62
C GLU B 142 -19.44 -10.40 4.84
N GLY B 143 -20.50 -9.60 4.65
CA GLY B 143 -21.13 -8.89 5.75
C GLY B 143 -22.56 -9.34 5.92
N LYS B 144 -22.84 -9.99 7.05
CA LYS B 144 -24.15 -10.62 7.25
C LYS B 144 -24.97 -9.91 8.32
N ILE B 145 -26.28 -9.88 8.12
CA ILE B 145 -27.19 -9.27 9.09
C ILE B 145 -27.88 -10.35 9.92
N VAL B 146 -28.17 -10.01 11.17
CA VAL B 146 -28.86 -10.92 12.07
C VAL B 146 -30.29 -10.47 12.30
N GLN B 147 -31.24 -11.29 11.87
CA GLN B 147 -32.65 -11.00 12.03
C GLN B 147 -33.25 -11.85 13.16
N TYR B 148 -34.53 -11.67 13.42
CA TYR B 148 -35.22 -12.46 14.44
C TYR B 148 -35.16 -13.95 14.10
N GLU B 149 -35.10 -14.25 12.81
CA GLU B 149 -35.20 -15.63 12.35
C GLU B 149 -33.87 -16.38 12.40
N ASN B 150 -32.82 -15.72 12.91
CA ASN B 150 -31.50 -16.32 12.99
C ASN B 150 -31.07 -16.60 14.42
N LEU B 151 -31.80 -16.03 15.37
CA LEU B 151 -31.42 -16.12 16.78
C LEU B 151 -32.24 -17.16 17.52
N LYS B 152 -31.59 -17.93 18.38
CA LYS B 152 -32.28 -18.92 19.21
C LYS B 152 -31.52 -19.19 20.51
N TYR B 153 -32.26 -19.58 21.55
CA TYR B 153 -31.67 -19.93 22.83
C TYR B 153 -32.09 -21.34 23.24
N SER B 154 -31.17 -22.09 23.85
CA SER B 154 -31.50 -23.39 24.41
C SER B 154 -31.52 -23.28 25.94
N VAL B 155 -32.65 -23.63 26.55
CA VAL B 155 -32.82 -23.50 27.98
C VAL B 155 -33.24 -24.82 28.61
N ILE B 156 -32.46 -25.30 29.57
CA ILE B 156 -32.75 -26.60 30.20
C ILE B 156 -33.45 -26.42 31.54
N VAL B 157 -34.57 -27.11 31.70
CA VAL B 157 -35.32 -27.10 32.94
C VAL B 157 -35.26 -28.48 33.59
N THR B 158 -34.70 -28.55 34.80
CA THR B 158 -34.47 -29.83 35.46
C THR B 158 -35.17 -29.91 36.82
N VAL B 159 -36.05 -30.90 36.96
CA VAL B 159 -36.67 -31.20 38.24
C VAL B 159 -35.91 -32.36 38.89
N HIS B 160 -35.35 -32.11 40.07
CA HIS B 160 -34.48 -33.09 40.71
C HIS B 160 -35.26 -34.13 41.51
N THR B 161 -35.58 -35.24 40.87
CA THR B 161 -36.26 -36.35 41.53
C THR B 161 -35.26 -37.18 42.32
N HIS B 174 -32.65 -35.96 33.59
CA HIS B 174 -33.60 -35.73 32.51
C HIS B 174 -34.21 -34.34 32.58
N GLY B 175 -33.45 -33.35 32.12
CA GLY B 175 -33.95 -31.99 32.02
C GLY B 175 -34.51 -31.76 30.62
N THR B 176 -35.54 -30.93 30.52
CA THR B 176 -36.16 -30.64 29.23
C THR B 176 -35.55 -29.39 28.62
N ILE B 177 -34.92 -29.55 27.46
CA ILE B 177 -34.28 -28.45 26.77
C ILE B 177 -35.27 -27.70 25.90
N ALA B 178 -35.69 -26.52 26.35
CA ALA B 178 -36.64 -25.70 25.62
C ALA B 178 -35.91 -24.80 24.62
N THR B 179 -36.49 -24.65 23.44
CA THR B 179 -35.91 -23.79 22.42
C THR B 179 -36.69 -22.48 22.32
N ILE B 180 -35.99 -21.37 22.55
CA ILE B 180 -36.63 -20.05 22.53
C ILE B 180 -36.10 -19.21 21.38
N THR B 181 -36.96 -18.39 20.80
CA THR B 181 -36.55 -17.47 19.75
C THR B 181 -37.36 -16.18 19.88
N PRO B 182 -36.89 -15.11 19.23
CA PRO B 182 -37.60 -13.82 19.25
C PRO B 182 -39.06 -13.92 18.81
N GLN B 183 -39.32 -14.66 17.74
CA GLN B 183 -40.68 -14.80 17.22
C GLN B 183 -41.50 -15.79 18.04
N ALA B 184 -40.87 -16.88 18.48
CA ALA B 184 -41.54 -17.84 19.35
C ALA B 184 -40.96 -17.77 20.75
N PRO B 185 -41.36 -16.76 21.52
CA PRO B 185 -40.78 -16.50 22.85
C PRO B 185 -41.27 -17.43 23.96
N THR B 186 -42.42 -18.08 23.76
CA THR B 186 -42.99 -18.92 24.81
C THR B 186 -42.85 -20.41 24.49
N SER B 187 -42.59 -21.19 25.53
CA SER B 187 -42.57 -22.65 25.42
C SER B 187 -43.31 -23.27 26.60
N GLU B 188 -44.12 -24.28 26.30
CA GLU B 188 -44.88 -24.98 27.34
C GLU B 188 -44.30 -26.39 27.53
N ILE B 189 -43.96 -26.71 28.77
CA ILE B 189 -43.36 -28.01 29.08
C ILE B 189 -43.95 -28.60 30.35
N GLN B 190 -44.32 -29.87 30.28
CA GLN B 190 -44.98 -30.54 31.40
C GLN B 190 -43.95 -31.14 32.34
N LEU B 191 -43.89 -30.62 33.56
CA LEU B 191 -42.92 -31.05 34.55
C LEU B 191 -43.49 -32.08 35.52
N THR B 192 -42.62 -32.87 36.13
CA THR B 192 -43.01 -33.81 37.15
C THR B 192 -43.30 -33.08 38.46
N ASP B 193 -44.47 -33.32 39.03
CA ASP B 193 -44.86 -32.71 40.31
C ASP B 193 -45.16 -31.20 40.21
N TYR B 194 -44.67 -30.55 39.15
CA TYR B 194 -44.89 -29.11 38.99
C TYR B 194 -46.00 -28.80 37.99
N GLY B 195 -46.27 -29.74 37.09
CA GLY B 195 -47.32 -29.58 36.11
C GLY B 195 -46.86 -28.77 34.90
N ALA B 196 -47.77 -28.01 34.32
CA ALA B 196 -47.48 -27.25 33.12
C ALA B 196 -46.73 -25.95 33.43
N LEU B 197 -45.52 -25.83 32.91
CA LEU B 197 -44.72 -24.62 33.08
C LEU B 197 -44.58 -23.89 31.75
N THR B 198 -44.83 -22.59 31.75
CA THR B 198 -44.63 -21.77 30.56
C THR B 198 -43.40 -20.88 30.70
N LEU B 199 -42.41 -21.12 29.86
CA LEU B 199 -41.27 -20.22 29.75
C LEU B 199 -41.64 -19.10 28.80
N ASP B 200 -41.60 -17.86 29.29
CA ASP B 200 -41.81 -16.70 28.43
C ASP B 200 -40.58 -15.81 28.50
N CYS B 201 -39.65 -16.02 27.56
CA CYS B 201 -38.34 -15.37 27.62
C CYS B 201 -38.13 -14.38 26.48
N SER B 202 -37.26 -13.41 26.73
CA SER B 202 -36.87 -12.45 25.71
C SER B 202 -35.44 -11.99 25.97
N PRO B 203 -34.66 -11.79 24.89
CA PRO B 203 -33.25 -11.37 25.03
C PRO B 203 -33.10 -10.09 25.85
N ARG B 204 -32.03 -10.00 26.64
CA ARG B 204 -31.74 -8.79 27.37
C ARG B 204 -31.10 -7.77 26.44
N THR B 205 -31.46 -6.50 26.63
CA THR B 205 -30.90 -5.43 25.82
C THR B 205 -29.38 -5.37 25.98
N GLY B 206 -28.67 -5.51 24.86
CA GLY B 206 -27.22 -5.48 24.86
C GLY B 206 -26.70 -5.19 23.46
N LEU B 207 -26.37 -6.26 22.74
CA LEU B 207 -26.00 -6.14 21.33
C LEU B 207 -27.21 -5.66 20.53
N ASP B 208 -26.98 -4.71 19.63
CA ASP B 208 -28.03 -4.23 18.74
C ASP B 208 -27.73 -4.69 17.32
N PHE B 209 -28.62 -5.49 16.76
CA PHE B 209 -28.36 -6.11 15.46
C PHE B 209 -28.98 -5.31 14.30
N ASN B 210 -29.70 -4.24 14.64
CA ASN B 210 -30.10 -3.27 13.65
C ASN B 210 -28.92 -2.38 13.30
N GLU B 211 -27.89 -2.43 14.14
CA GLU B 211 -26.69 -1.63 13.95
C GLU B 211 -25.45 -2.49 13.69
N MET B 212 -25.25 -3.50 14.54
CA MET B 212 -24.07 -4.35 14.42
C MET B 212 -24.25 -5.42 13.34
N VAL B 213 -23.28 -5.47 12.43
CA VAL B 213 -23.29 -6.46 11.35
C VAL B 213 -22.13 -7.42 11.52
N LEU B 214 -22.32 -8.66 11.06
CA LEU B 214 -21.34 -9.73 11.27
C LEU B 214 -20.45 -9.91 10.05
N LEU B 215 -19.16 -9.63 10.22
CA LEU B 215 -18.19 -9.67 9.13
C LEU B 215 -17.32 -10.92 9.21
N THR B 216 -17.27 -11.67 8.12
CA THR B 216 -16.46 -12.88 8.05
C THR B 216 -15.39 -12.75 6.97
N MET B 217 -14.13 -12.79 7.38
CA MET B 217 -13.01 -12.76 6.44
C MET B 217 -12.12 -13.97 6.66
N LYS B 218 -11.82 -14.69 5.58
CA LYS B 218 -11.01 -15.89 5.65
C LYS B 218 -11.61 -16.93 6.60
N GLU B 219 -11.09 -16.99 7.82
CA GLU B 219 -11.49 -18.02 8.76
C GLU B 219 -11.76 -17.42 10.14
N LYS B 220 -12.09 -16.14 10.17
CA LYS B 220 -12.38 -15.44 11.41
C LYS B 220 -13.59 -14.54 11.23
N SER B 221 -14.09 -13.99 12.33
CA SER B 221 -15.29 -13.17 12.30
C SER B 221 -15.23 -11.99 13.27
N TRP B 222 -16.05 -10.98 13.02
CA TRP B 222 -16.08 -9.78 13.84
C TRP B 222 -17.48 -9.18 13.88
N LEU B 223 -17.74 -8.37 14.90
CA LEU B 223 -18.90 -7.47 14.90
C LEU B 223 -18.42 -6.11 14.42
N VAL B 224 -19.18 -5.49 13.52
CA VAL B 224 -18.83 -4.18 13.00
C VAL B 224 -20.08 -3.34 12.82
N HIS B 225 -19.90 -2.03 12.74
CA HIS B 225 -21.03 -1.12 12.54
C HIS B 225 -21.46 -1.17 11.08
N LYS B 226 -22.77 -1.13 10.87
CA LYS B 226 -23.34 -1.31 9.54
C LYS B 226 -22.82 -0.28 8.55
N GLN B 227 -22.81 0.98 8.96
CA GLN B 227 -22.39 2.06 8.06
C GLN B 227 -20.89 1.97 7.82
N TRP B 228 -20.13 1.68 8.87
CA TRP B 228 -18.69 1.50 8.73
C TRP B 228 -18.41 0.47 7.64
N PHE B 229 -19.23 -0.57 7.60
CA PHE B 229 -19.07 -1.64 6.62
C PHE B 229 -19.56 -1.20 5.24
N LEU B 230 -20.63 -0.41 5.21
CA LEU B 230 -21.22 0.03 3.95
C LEU B 230 -20.42 1.14 3.28
N ASP B 231 -19.51 1.76 4.03
CA ASP B 231 -18.70 2.85 3.50
C ASP B 231 -17.22 2.49 3.34
N LEU B 232 -16.91 1.20 3.41
CA LEU B 232 -15.55 0.75 3.18
C LEU B 232 -15.21 0.87 1.69
N PRO B 233 -14.07 1.48 1.37
CA PRO B 233 -13.68 1.69 -0.03
C PRO B 233 -13.14 0.43 -0.68
N LEU B 234 -14.01 -0.55 -0.92
CA LEU B 234 -13.64 -1.78 -1.59
C LEU B 234 -14.68 -2.14 -2.64
N PRO B 235 -14.27 -2.91 -3.67
CA PRO B 235 -15.22 -3.38 -4.68
C PRO B 235 -16.30 -4.25 -4.02
N TRP B 236 -17.56 -4.04 -4.37
CA TRP B 236 -18.65 -4.74 -3.69
C TRP B 236 -19.71 -5.29 -4.63
N THR B 237 -20.43 -6.30 -4.17
CA THR B 237 -21.55 -6.86 -4.91
C THR B 237 -22.64 -7.25 -3.92
N SER B 238 -23.89 -7.10 -4.34
CA SER B 238 -25.02 -7.37 -3.46
C SER B 238 -25.00 -8.81 -2.95
N GLY B 239 -25.57 -9.03 -1.77
CA GLY B 239 -25.69 -10.36 -1.21
C GLY B 239 -26.89 -11.09 -1.79
N ALA B 240 -27.61 -10.42 -2.68
CA ALA B 240 -28.79 -11.00 -3.31
C ALA B 240 -28.42 -12.14 -4.24
N SER B 241 -29.17 -13.23 -4.14
CA SER B 241 -28.92 -14.43 -4.93
C SER B 241 -28.80 -14.13 -6.42
N THR B 242 -27.89 -14.85 -7.08
CA THR B 242 -27.63 -14.68 -8.50
C THR B 242 -26.66 -15.75 -8.97
N SER B 243 -26.49 -15.88 -10.28
CA SER B 243 -25.59 -16.88 -10.84
C SER B 243 -24.14 -16.55 -10.55
N GLN B 244 -23.59 -15.56 -11.25
CA GLN B 244 -22.18 -15.23 -11.15
C GLN B 244 -21.94 -13.92 -10.39
N GLU B 245 -20.70 -13.72 -9.98
CA GLU B 245 -20.30 -12.49 -9.30
C GLU B 245 -20.38 -11.29 -10.24
N THR B 246 -21.04 -10.23 -9.77
CA THR B 246 -21.11 -8.97 -10.50
C THR B 246 -20.69 -7.83 -9.58
N TRP B 247 -19.48 -7.34 -9.78
CA TRP B 247 -18.86 -6.41 -8.83
C TRP B 247 -19.11 -4.95 -9.17
N ASN B 248 -19.05 -4.10 -8.13
CA ASN B 248 -19.14 -2.67 -8.28
C ASN B 248 -17.85 -2.04 -7.75
N ARG B 249 -17.45 -0.92 -8.36
CA ARG B 249 -16.25 -0.21 -7.95
C ARG B 249 -15.00 -1.10 -8.00
N GLN B 250 -14.83 -1.80 -9.11
CA GLN B 250 -13.64 -2.64 -9.29
C GLN B 250 -12.41 -1.76 -9.46
N ASP B 251 -12.62 -0.54 -9.95
CA ASP B 251 -11.54 0.42 -10.15
C ASP B 251 -10.80 0.75 -8.85
N LEU B 252 -11.33 0.28 -7.73
CA LEU B 252 -10.69 0.49 -6.43
C LEU B 252 -9.47 -0.41 -6.27
N LEU B 253 -9.50 -1.57 -6.92
CA LEU B 253 -8.37 -2.51 -6.86
C LEU B 253 -7.66 -2.63 -8.20
N VAL B 254 -8.25 -2.05 -9.24
CA VAL B 254 -7.68 -2.16 -10.58
C VAL B 254 -7.15 -0.82 -11.06
N THR B 255 -5.92 -0.81 -11.55
CA THR B 255 -5.28 0.41 -12.05
C THR B 255 -4.90 0.27 -13.52
N PHE B 256 -5.41 1.19 -14.34
CA PHE B 256 -5.02 1.26 -15.74
C PHE B 256 -3.84 2.19 -15.89
N LYS B 257 -2.66 1.63 -16.16
CA LYS B 257 -1.46 2.44 -16.33
C LYS B 257 -1.48 3.16 -17.68
N THR B 258 -0.67 4.21 -17.79
CA THR B 258 -0.64 5.04 -18.99
C THR B 258 -0.71 4.19 -20.26
N ALA B 259 -1.41 4.70 -21.26
CA ALA B 259 -1.63 3.96 -22.50
C ALA B 259 -0.65 4.35 -23.59
N HIS B 260 -0.19 3.35 -24.34
CA HIS B 260 0.61 3.58 -25.52
C HIS B 260 -0.27 3.38 -26.75
N ALA B 261 0.27 3.70 -27.92
CA ALA B 261 -0.51 3.63 -29.16
C ALA B 261 -1.41 2.40 -29.25
N LYS B 262 -0.87 1.24 -28.90
CA LYS B 262 -1.57 -0.02 -29.15
C LYS B 262 -1.68 -0.94 -27.94
N LYS B 263 -1.44 -0.42 -26.74
CA LYS B 263 -1.50 -1.26 -25.54
C LYS B 263 -1.63 -0.49 -24.24
N GLN B 264 -2.09 -1.18 -23.21
CA GLN B 264 -2.16 -0.66 -21.85
C GLN B 264 -1.78 -1.75 -20.86
N GLU B 265 -1.13 -1.35 -19.76
CA GLU B 265 -0.84 -2.29 -18.68
C GLU B 265 -1.91 -2.18 -17.60
N VAL B 266 -2.61 -3.29 -17.37
CA VAL B 266 -3.62 -3.34 -16.31
C VAL B 266 -3.11 -4.17 -15.14
N VAL B 267 -3.14 -3.58 -13.95
CA VAL B 267 -2.62 -4.25 -12.76
C VAL B 267 -3.63 -4.20 -11.61
N VAL B 268 -3.39 -5.02 -10.60
CA VAL B 268 -4.23 -5.04 -9.41
C VAL B 268 -3.39 -4.84 -8.17
N LEU B 269 -3.99 -4.22 -7.16
CA LEU B 269 -3.32 -4.05 -5.88
C LEU B 269 -3.20 -5.39 -5.17
N GLY B 270 -2.19 -5.52 -4.32
CA GLY B 270 -2.04 -6.73 -3.53
C GLY B 270 -3.22 -6.89 -2.61
N SER B 271 -3.37 -8.07 -2.03
CA SER B 271 -4.46 -8.34 -1.10
C SER B 271 -4.63 -7.19 -0.11
N GLN B 272 -5.86 -6.97 0.31
CA GLN B 272 -6.16 -5.91 1.27
C GLN B 272 -6.54 -6.55 2.61
N GLU B 273 -6.13 -7.80 2.80
CA GLU B 273 -6.41 -8.53 4.03
C GLU B 273 -5.72 -7.89 5.22
N GLY B 274 -4.49 -7.45 5.01
CA GLY B 274 -3.73 -6.78 6.06
C GLY B 274 -4.36 -5.47 6.46
N ALA B 275 -4.63 -4.62 5.48
CA ALA B 275 -5.26 -3.33 5.74
C ALA B 275 -6.60 -3.50 6.44
N MET B 276 -7.27 -4.61 6.15
CA MET B 276 -8.56 -4.91 6.77
C MET B 276 -8.36 -5.32 8.22
N HIS B 277 -7.30 -6.09 8.47
CA HIS B 277 -6.97 -6.51 9.83
C HIS B 277 -6.62 -5.32 10.72
N THR B 278 -6.01 -4.31 10.12
CA THR B 278 -5.61 -3.11 10.87
C THR B 278 -6.82 -2.24 11.16
N ALA B 279 -7.79 -2.26 10.26
CA ALA B 279 -9.00 -1.46 10.41
C ALA B 279 -9.97 -2.13 11.40
N LEU B 280 -9.76 -3.42 11.65
CA LEU B 280 -10.63 -4.17 12.54
C LEU B 280 -10.05 -4.28 13.95
N THR B 281 -8.83 -3.80 14.14
CA THR B 281 -8.22 -3.82 15.47
C THR B 281 -9.07 -3.03 16.43
N GLY B 282 -9.71 -3.72 17.37
CA GLY B 282 -10.61 -3.10 18.31
C GLY B 282 -12.01 -3.66 18.21
N ALA B 283 -12.38 -4.08 17.00
CA ALA B 283 -13.69 -4.68 16.79
C ALA B 283 -13.75 -6.06 17.43
N THR B 284 -14.89 -6.38 18.03
CA THR B 284 -15.05 -7.64 18.74
C THR B 284 -14.91 -8.84 17.81
N GLU B 285 -13.98 -9.73 18.13
CA GLU B 285 -13.78 -10.95 17.36
C GLU B 285 -14.68 -12.06 17.92
N ILE B 286 -15.31 -12.81 17.02
CA ILE B 286 -16.22 -13.88 17.43
C ILE B 286 -15.94 -15.16 16.66
N GLN B 287 -16.56 -16.26 17.09
CA GLN B 287 -16.29 -17.57 16.51
C GLN B 287 -17.52 -18.13 15.80
N THR B 288 -17.33 -18.60 14.57
CA THR B 288 -18.42 -19.18 13.79
C THR B 288 -17.91 -20.32 12.92
N SER B 289 -18.57 -21.47 13.02
CA SER B 289 -18.24 -22.62 12.19
C SER B 289 -19.09 -22.63 10.93
N GLY B 290 -18.76 -21.74 9.99
CA GLY B 290 -19.50 -21.61 8.76
C GLY B 290 -20.81 -20.87 8.94
N THR B 291 -21.89 -21.62 9.20
CA THR B 291 -23.22 -21.03 9.29
C THR B 291 -23.64 -20.73 10.72
N THR B 292 -23.00 -21.38 11.69
CA THR B 292 -23.38 -21.22 13.08
C THR B 292 -22.40 -20.36 13.86
N THR B 293 -22.92 -19.34 14.54
CA THR B 293 -22.14 -18.51 15.42
C THR B 293 -22.65 -18.67 16.85
N ILE B 294 -21.74 -18.74 17.81
CA ILE B 294 -22.12 -18.92 19.20
C ILE B 294 -21.87 -17.66 20.01
N PHE B 295 -22.85 -17.28 20.82
CA PHE B 295 -22.78 -16.08 21.62
C PHE B 295 -22.94 -16.37 23.11
N ALA B 296 -22.62 -15.38 23.93
CA ALA B 296 -22.86 -15.45 25.36
C ALA B 296 -24.19 -14.78 25.65
N GLY B 297 -25.24 -15.59 25.79
CA GLY B 297 -26.61 -15.08 25.84
C GLY B 297 -27.04 -14.48 27.16
N HIS B 298 -28.12 -13.70 27.08
CA HIS B 298 -28.73 -13.11 28.26
C HIS B 298 -30.25 -13.09 28.08
N LEU B 299 -30.96 -13.87 28.90
CA LEU B 299 -32.41 -13.94 28.80
C LEU B 299 -33.11 -13.41 30.04
N LYS B 300 -34.22 -12.70 29.82
CA LYS B 300 -35.14 -12.35 30.89
C LYS B 300 -36.41 -13.17 30.67
N CYS B 301 -36.85 -13.88 31.71
CA CYS B 301 -37.94 -14.83 31.57
C CYS B 301 -39.07 -14.62 32.57
N ARG B 302 -40.27 -15.01 32.16
CA ARG B 302 -41.43 -15.04 33.04
C ARG B 302 -41.97 -16.46 33.13
N LEU B 303 -41.74 -17.10 34.29
CA LEU B 303 -42.24 -18.45 34.53
C LEU B 303 -43.69 -18.40 34.97
N LYS B 304 -44.56 -19.11 34.25
CA LYS B 304 -45.96 -19.21 34.62
C LYS B 304 -46.31 -20.62 35.07
N MET B 305 -46.95 -20.71 36.22
CA MET B 305 -47.35 -22.00 36.77
C MET B 305 -48.59 -21.82 37.63
N ASP B 306 -49.14 -22.92 38.13
CA ASP B 306 -50.33 -22.88 38.97
C ASP B 306 -50.03 -22.29 40.33
N LYS B 307 -51.08 -21.95 41.07
CA LYS B 307 -50.93 -21.39 42.41
C LYS B 307 -50.08 -22.30 43.29
N LEU B 308 -48.81 -21.93 43.44
CA LEU B 308 -47.86 -22.68 44.24
C LEU B 308 -47.12 -21.76 45.20
N THR B 309 -47.13 -22.13 46.49
CA THR B 309 -46.39 -21.38 47.49
C THR B 309 -44.89 -21.68 47.37
N LEU B 310 -44.14 -20.75 46.79
CA LEU B 310 -42.71 -20.93 46.59
C LEU B 310 -41.94 -20.56 47.85
N LYS B 311 -40.75 -21.14 48.00
CA LYS B 311 -39.89 -20.84 49.13
C LYS B 311 -38.72 -19.98 48.66
N GLY B 312 -38.84 -18.67 48.86
CA GLY B 312 -37.86 -17.73 48.36
C GLY B 312 -36.53 -17.77 49.10
N MET B 313 -35.46 -17.53 48.35
CA MET B 313 -34.11 -17.53 48.91
C MET B 313 -33.65 -16.11 49.20
N SER B 314 -33.05 -15.93 50.38
CA SER B 314 -32.48 -14.65 50.75
C SER B 314 -30.98 -14.80 50.96
N TYR B 315 -30.21 -13.87 50.37
CA TYR B 315 -28.76 -13.89 50.50
C TYR B 315 -28.27 -12.69 51.30
N VAL B 316 -27.31 -12.95 52.19
CA VAL B 316 -26.70 -11.88 52.98
C VAL B 316 -25.53 -11.28 52.21
N MET B 317 -25.32 -9.98 52.39
CA MET B 317 -24.19 -9.30 51.76
C MET B 317 -22.89 -9.94 52.20
N CYS B 318 -21.99 -10.18 51.24
CA CYS B 318 -20.68 -10.70 51.55
C CYS B 318 -19.95 -9.72 52.48
N THR B 319 -19.25 -10.25 53.47
CA THR B 319 -18.53 -9.43 54.43
C THR B 319 -17.02 -9.44 54.14
N GLY B 320 -16.53 -10.58 53.68
CA GLY B 320 -15.11 -10.76 53.44
C GLY B 320 -14.57 -9.97 52.28
N SER B 321 -13.45 -10.43 51.73
CA SER B 321 -12.75 -9.71 50.67
C SER B 321 -12.89 -10.41 49.33
N PHE B 322 -12.65 -9.65 48.26
CA PHE B 322 -12.64 -10.20 46.92
C PHE B 322 -11.28 -9.99 46.26
N LYS B 323 -10.99 -10.79 45.24
CA LYS B 323 -9.68 -10.78 44.58
C LYS B 323 -9.84 -10.71 43.07
N LEU B 324 -9.02 -9.88 42.43
CA LEU B 324 -9.10 -9.71 40.98
C LEU B 324 -8.42 -10.86 40.25
N GLU B 325 -9.20 -11.65 39.53
CA GLU B 325 -8.68 -12.82 38.82
C GLU B 325 -7.84 -12.41 37.62
N LYS B 326 -8.36 -11.46 36.84
CA LYS B 326 -7.63 -10.89 35.72
C LYS B 326 -8.08 -9.45 35.55
N GLU B 327 -7.31 -8.65 34.81
CA GLU B 327 -7.62 -7.24 34.66
C GLU B 327 -8.98 -7.07 33.98
N VAL B 328 -9.64 -5.94 34.28
CA VAL B 328 -10.95 -5.65 33.73
C VAL B 328 -10.88 -5.59 32.20
N ALA B 329 -11.91 -6.10 31.54
CA ALA B 329 -11.93 -6.15 30.08
C ALA B 329 -13.17 -5.46 29.53
N GLU B 330 -13.00 -4.70 28.45
CA GLU B 330 -14.10 -3.96 27.85
C GLU B 330 -14.77 -4.76 26.74
N THR B 331 -16.06 -4.51 26.53
CA THR B 331 -16.74 -4.95 25.34
C THR B 331 -16.70 -3.79 24.35
N GLN B 332 -17.42 -3.91 23.24
CA GLN B 332 -17.49 -2.82 22.28
C GLN B 332 -18.85 -2.13 22.27
N HIS B 333 -19.67 -2.45 23.26
CA HIS B 333 -20.98 -1.81 23.38
C HIS B 333 -21.18 -1.18 24.76
N GLY B 334 -20.09 -0.69 25.34
CA GLY B 334 -20.16 0.16 26.52
C GLY B 334 -20.16 -0.56 27.87
N THR B 335 -19.84 -1.85 27.87
CA THR B 335 -19.83 -2.61 29.11
C THR B 335 -18.44 -3.17 29.41
N VAL B 336 -18.20 -3.53 30.67
CA VAL B 336 -16.93 -4.09 31.09
C VAL B 336 -17.14 -5.38 31.87
N LEU B 337 -16.28 -6.36 31.66
CA LEU B 337 -16.37 -7.64 32.35
C LEU B 337 -15.36 -7.68 33.50
N VAL B 338 -15.84 -7.96 34.70
CA VAL B 338 -14.99 -8.03 35.88
C VAL B 338 -15.07 -9.41 36.51
N GLN B 339 -13.91 -10.07 36.65
CA GLN B 339 -13.85 -11.40 37.23
C GLN B 339 -13.12 -11.36 38.56
N VAL B 340 -13.76 -11.90 39.61
CA VAL B 340 -13.19 -11.84 40.95
C VAL B 340 -13.42 -13.13 41.73
N LYS B 341 -12.67 -13.28 42.82
CA LYS B 341 -12.81 -14.44 43.70
C LYS B 341 -12.99 -14.01 45.15
N TYR B 342 -13.94 -14.62 45.84
CA TYR B 342 -14.25 -14.28 47.22
C TYR B 342 -13.29 -14.95 48.19
N GLU B 343 -13.01 -14.30 49.31
CA GLU B 343 -12.06 -14.81 50.29
C GLU B 343 -12.68 -14.96 51.68
N GLY B 344 -13.92 -14.50 51.84
CA GLY B 344 -14.58 -14.55 53.14
C GLY B 344 -14.94 -15.95 53.59
N THR B 345 -16.05 -16.08 54.30
CA THR B 345 -16.48 -17.38 54.82
C THR B 345 -18.00 -17.55 54.81
N ASP B 346 -18.71 -16.57 54.25
CA ASP B 346 -20.16 -16.53 54.38
C ASP B 346 -20.87 -16.85 53.07
N ALA B 347 -20.24 -17.68 52.24
CA ALA B 347 -20.87 -18.11 51.00
C ALA B 347 -21.93 -19.16 51.31
N PRO B 348 -23.05 -19.13 50.57
CA PRO B 348 -23.27 -18.21 49.46
C PRO B 348 -23.75 -16.84 49.93
N CYS B 349 -23.26 -15.78 49.30
CA CYS B 349 -23.58 -14.42 49.69
C CYS B 349 -23.69 -13.49 48.48
N LYS B 350 -24.39 -12.37 48.65
CA LYS B 350 -24.57 -11.41 47.57
C LYS B 350 -23.42 -10.42 47.52
N ILE B 351 -22.83 -10.27 46.34
CA ILE B 351 -21.65 -9.42 46.17
C ILE B 351 -22.01 -7.94 46.17
N PRO B 352 -21.42 -7.17 47.10
CA PRO B 352 -21.62 -5.71 47.11
C PRO B 352 -20.98 -5.04 45.90
N PHE B 353 -21.73 -4.18 45.23
CA PHE B 353 -21.23 -3.47 44.06
C PHE B 353 -21.55 -1.98 44.15
N SER B 354 -20.72 -1.16 43.50
CA SER B 354 -20.91 0.28 43.52
C SER B 354 -20.14 0.94 42.38
N SER B 355 -20.68 2.03 41.86
CA SER B 355 -20.04 2.78 40.78
C SER B 355 -19.93 4.26 41.13
N GLN B 356 -18.74 4.82 40.93
CA GLN B 356 -18.54 6.26 41.11
C GLN B 356 -17.95 6.88 39.86
N ASP B 357 -18.43 8.06 39.50
CA ASP B 357 -17.99 8.73 38.27
C ASP B 357 -16.73 9.56 38.50
N GLU B 358 -16.35 10.32 37.48
CA GLU B 358 -15.17 11.18 37.55
C GLU B 358 -15.11 12.01 38.83
N LYS B 359 -16.28 12.37 39.36
CA LYS B 359 -16.36 13.25 40.52
C LYS B 359 -16.55 12.51 41.84
N GLY B 360 -16.79 11.20 41.76
CA GLY B 360 -16.96 10.37 42.94
C GLY B 360 -18.41 10.16 43.32
N VAL B 361 -19.32 10.57 42.45
CA VAL B 361 -20.75 10.41 42.70
C VAL B 361 -21.18 8.96 42.54
N THR B 362 -21.76 8.39 43.58
CA THR B 362 -22.26 7.01 43.52
C THR B 362 -23.47 6.95 42.61
N GLN B 363 -23.47 5.99 41.69
CA GLN B 363 -24.46 5.94 40.62
C GLN B 363 -25.74 5.21 41.01
N ASN B 364 -25.64 4.29 41.97
CA ASN B 364 -26.77 3.45 42.34
C ASN B 364 -27.39 2.81 41.10
N GLY B 365 -26.58 2.02 40.39
CA GLY B 365 -27.02 1.37 39.17
C GLY B 365 -25.83 0.94 38.34
N ARG B 366 -26.07 0.71 37.05
CA ARG B 366 -25.01 0.37 36.09
C ARG B 366 -24.49 -1.07 36.25
N LEU B 367 -25.22 -1.88 37.01
CA LEU B 367 -24.89 -3.30 37.12
C LEU B 367 -25.76 -4.10 36.16
N ILE B 368 -25.11 -4.87 35.28
CA ILE B 368 -25.81 -5.63 34.26
C ILE B 368 -26.06 -7.07 34.70
N THR B 369 -25.21 -7.60 35.56
CA THR B 369 -25.38 -8.95 36.08
C THR B 369 -26.56 -8.98 37.06
N ALA B 370 -27.51 -9.86 36.80
CA ALA B 370 -28.74 -9.92 37.58
C ALA B 370 -28.55 -10.62 38.92
N ASN B 371 -27.78 -11.70 38.91
CA ASN B 371 -27.56 -12.48 40.13
C ASN B 371 -26.10 -12.40 40.59
N PRO B 372 -25.70 -11.25 41.14
CA PRO B 372 -24.33 -11.07 41.63
C PRO B 372 -24.13 -11.81 42.95
N ILE B 373 -24.07 -13.14 42.88
CA ILE B 373 -23.99 -13.96 44.08
C ILE B 373 -22.81 -14.91 44.04
N VAL B 374 -22.14 -15.05 45.17
CA VAL B 374 -21.10 -16.07 45.34
C VAL B 374 -21.79 -17.36 45.77
N THR B 375 -21.86 -18.34 44.89
CA THR B 375 -22.47 -19.62 45.22
C THR B 375 -21.43 -20.59 45.75
N ASP B 376 -20.19 -20.40 45.33
CA ASP B 376 -19.10 -21.25 45.77
C ASP B 376 -17.76 -20.54 45.63
N LYS B 377 -17.07 -20.35 46.75
CA LYS B 377 -15.70 -19.88 46.71
C LYS B 377 -14.94 -20.94 45.93
N GLU B 378 -13.78 -20.58 45.40
CA GLU B 378 -13.04 -21.45 44.49
C GLU B 378 -13.73 -21.50 43.12
N LYS B 379 -14.91 -20.91 43.04
CA LYS B 379 -15.60 -20.74 41.76
C LYS B 379 -15.76 -19.26 41.49
N PRO B 380 -14.95 -18.71 40.58
CA PRO B 380 -14.94 -17.26 40.33
C PRO B 380 -16.28 -16.76 39.78
N VAL B 381 -16.59 -15.50 40.04
CA VAL B 381 -17.84 -14.90 39.58
C VAL B 381 -17.56 -13.74 38.64
N ASN B 382 -18.26 -13.70 37.51
CA ASN B 382 -18.08 -12.63 36.53
C ASN B 382 -19.14 -11.55 36.69
N ILE B 383 -18.71 -10.29 36.60
CA ILE B 383 -19.60 -9.16 36.83
C ILE B 383 -19.52 -8.18 35.66
N GLU B 384 -20.60 -8.08 34.90
CA GLU B 384 -20.67 -7.11 33.82
C GLU B 384 -21.31 -5.82 34.31
N ALA B 385 -20.66 -4.71 34.00
CA ALA B 385 -21.16 -3.40 34.40
C ALA B 385 -21.14 -2.45 33.20
N GLU B 386 -21.74 -1.28 33.37
CA GLU B 386 -21.71 -0.25 32.33
C GLU B 386 -21.22 1.06 32.94
N PRO B 387 -19.90 1.25 32.96
CA PRO B 387 -19.29 2.44 33.57
C PRO B 387 -19.71 3.72 32.89
N PRO B 388 -19.78 4.83 33.65
CA PRO B 388 -20.01 6.15 33.03
C PRO B 388 -18.84 6.54 32.13
N PHE B 389 -19.10 7.38 31.14
CA PHE B 389 -18.03 7.84 30.25
C PHE B 389 -16.99 8.62 31.05
N GLY B 390 -15.73 8.53 30.60
CA GLY B 390 -14.64 9.21 31.28
C GLY B 390 -14.07 8.37 32.41
N GLU B 391 -13.58 9.04 33.45
CA GLU B 391 -12.99 8.36 34.60
C GLU B 391 -14.07 7.88 35.56
N SER B 392 -13.89 6.66 36.08
CA SER B 392 -14.82 6.11 37.05
C SER B 392 -14.16 4.99 37.84
N TYR B 393 -14.80 4.60 38.95
CA TYR B 393 -14.31 3.48 39.76
C TYR B 393 -15.36 2.40 39.91
N ILE B 394 -14.90 1.14 39.87
CA ILE B 394 -15.76 -0.01 40.13
C ILE B 394 -15.36 -0.62 41.46
N VAL B 395 -16.28 -0.61 42.42
CA VAL B 395 -15.98 -1.14 43.76
C VAL B 395 -16.69 -2.46 44.01
N VAL B 396 -15.89 -3.49 44.29
CA VAL B 396 -16.42 -4.81 44.59
C VAL B 396 -16.14 -5.16 46.06
N GLY B 397 -17.16 -5.63 46.76
CA GLY B 397 -17.03 -5.96 48.17
C GLY B 397 -17.20 -4.74 49.04
N ALA B 398 -17.46 -4.97 50.33
CA ALA B 398 -17.75 -3.90 51.27
C ALA B 398 -16.58 -3.66 52.22
N GLY B 399 -16.74 -2.71 53.13
CA GLY B 399 -15.72 -2.37 54.09
C GLY B 399 -14.57 -1.62 53.45
N GLU B 400 -13.67 -1.10 54.29
CA GLU B 400 -12.49 -0.39 53.79
C GLU B 400 -11.54 -1.34 53.07
N LYS B 401 -11.82 -2.64 53.16
CA LYS B 401 -11.03 -3.64 52.45
C LYS B 401 -11.58 -3.89 51.05
N ALA B 402 -12.60 -3.11 50.67
CA ALA B 402 -13.25 -3.28 49.36
C ALA B 402 -12.23 -3.17 48.23
N LEU B 403 -12.54 -3.85 47.12
CA LEU B 403 -11.69 -3.82 45.93
C LEU B 403 -12.10 -2.68 45.02
N LYS B 404 -11.23 -1.68 44.88
CA LYS B 404 -11.55 -0.48 44.13
C LYS B 404 -10.78 -0.44 42.81
N LEU B 405 -11.51 -0.64 41.71
CA LEU B 405 -10.91 -0.68 40.38
C LEU B 405 -11.23 0.60 39.62
N SER B 406 -10.24 1.13 38.91
CA SER B 406 -10.44 2.32 38.09
C SER B 406 -10.75 1.91 36.66
N TRP B 407 -11.31 2.84 35.88
CA TRP B 407 -11.60 2.60 34.48
C TRP B 407 -11.79 3.89 33.72
N PHE B 408 -11.30 3.93 32.48
CA PHE B 408 -11.54 5.07 31.61
C PHE B 408 -12.32 4.61 30.37
N LYS B 409 -13.51 5.15 30.20
CA LYS B 409 -14.39 4.75 29.11
C LYS B 409 -14.50 5.86 28.07
N LYS B 410 -13.98 5.60 26.88
CA LYS B 410 -13.94 6.63 25.84
C LYS B 410 -15.26 6.67 25.06
N GLY B 411 -15.50 7.78 24.37
CA GLY B 411 -16.72 7.96 23.61
C GLY B 411 -16.91 6.91 22.54
N SER B 412 -18.16 6.73 22.13
CA SER B 412 -18.50 5.71 21.13
C SER B 412 -17.84 6.00 19.78
N SER B 413 -17.58 4.94 19.02
CA SER B 413 -16.98 5.07 17.69
C SER B 413 -17.44 3.91 16.82
N ILE B 414 -17.65 4.17 15.53
CA ILE B 414 -18.12 3.14 14.62
C ILE B 414 -16.97 2.27 14.08
N GLY B 415 -15.75 2.54 14.53
CA GLY B 415 -14.60 1.72 14.16
C GLY B 415 -13.41 2.52 13.64
N LYS B 416 -12.33 1.81 13.32
CA LYS B 416 -11.14 2.44 12.74
C LYS B 416 -11.35 2.71 11.26
N MET B 417 -10.71 3.77 10.76
CA MET B 417 -10.76 4.07 9.33
C MET B 417 -9.98 3.01 8.55
N PHE B 418 -10.49 2.64 7.38
CA PHE B 418 -9.78 1.71 6.52
C PHE B 418 -8.83 2.46 5.60
N GLU B 419 -7.57 2.02 5.58
CA GLU B 419 -6.55 2.64 4.74
C GLU B 419 -6.09 1.65 3.67
N ALA B 420 -6.42 1.95 2.42
CA ALA B 420 -6.05 1.09 1.30
C ALA B 420 -4.55 1.17 1.05
#